data_3EM2
# 
_entry.id   3EM2 
# 
_audit_conform.dict_name       mmcif_pdbx.dic 
_audit_conform.dict_version    5.378 
_audit_conform.dict_location   http://mmcif.pdb.org/dictionaries/ascii/mmcif_pdbx.dic 
# 
loop_
_database_2.database_id 
_database_2.database_code 
_database_2.pdbx_database_accession 
_database_2.pdbx_DOI 
PDB   3EM2         pdb_00003em2 10.2210/pdb3em2/pdb 
NDB   DD0095       ?            ?                   
RCSB  RCSB049492   ?            ?                   
WWPDB D_1000049492 ?            ?                   
# 
loop_
_pdbx_database_related.db_name 
_pdbx_database_related.db_id 
_pdbx_database_related.details 
_pdbx_database_related.content_type 
PDB 1L1H 'Same quadruplex structure bound with a different ligand BSU-6039' unspecified 
PDB 1JPQ 'Same quadruplex structure in its native form (ligand-free)' unspecified 
PDB 1JRN 'Same quadruplex structure in its native form (ligand-free)' unspecified 
PDB 3CE5 
'A bimolecular parallel-stranded human telomeric quadruplex in complex with a 3,6,9-trisubstituted acridine molecule BRACO19' 
unspecified 
PDB 3EQW 
;A bimolecular anti-parallel-stranded Oxytricha nova telomeric quadruplex in complex with a 3,6-disubstituted acridine BSU-6042 in small unit cell
;
unspecified 
PDB 3ERU 
'A bimolecular anti-parallel-stranded Oxytricha nova telomeric quadruplex in complex with a 3,6-disubstituted acridine BSU-6045' 
unspecified 
PDB 3ES0 
'A bimolecular anti-parallel-stranded Oxytricha nova telomeric quadruplex in complex with a 3,6-disubstituted acridine BSU-6048' 
unspecified 
PDB 3ET8 
'A bimolecular anti-parallel-stranded Oxytricha nova telomeric quadruplex in complex with a 3,6-disubstituted acridine BSU-6054' 
unspecified 
# 
_pdbx_database_status.status_code                     REL 
_pdbx_database_status.entry_id                        3EM2 
_pdbx_database_status.recvd_initial_deposition_date   2008-09-23 
_pdbx_database_status.deposit_site                    RCSB 
_pdbx_database_status.process_site                    RCSB 
_pdbx_database_status.status_code_sf                  REL 
_pdbx_database_status.status_code_mr                  ? 
_pdbx_database_status.SG_entry                        ? 
_pdbx_database_status.pdb_format_compatible           Y 
_pdbx_database_status.status_code_cs                  ? 
_pdbx_database_status.status_code_nmr_data            ? 
_pdbx_database_status.methods_development_category    ? 
# 
loop_
_audit_author.name 
_audit_author.pdbx_ordinal 
'Campbell, N.H.' 1 
'Parkinson, G.'  2 
'Neidle, S.'     3 
# 
_citation.id                        primary 
_citation.title                     'Selectivity in Ligand Recognition of G-Quadruplex Loops.' 
_citation.journal_abbrev            Biochemistry 
_citation.journal_volume            48 
_citation.page_first                1675 
_citation.page_last                 1680 
_citation.year                      2009 
_citation.journal_id_ASTM           BICHAW 
_citation.country                   US 
_citation.journal_id_ISSN           0006-2960 
_citation.journal_id_CSD            0033 
_citation.book_publisher            ? 
_citation.pdbx_database_id_PubMed   19173611 
_citation.pdbx_database_id_DOI      10.1021/bi802233v 
# 
loop_
_citation_author.citation_id 
_citation_author.name 
_citation_author.ordinal 
_citation_author.identifier_ORCID 
primary 'Campbell, N.H.'  1 ? 
primary 'Patel, M.'       2 ? 
primary 'Tofa, A.B.'      3 ? 
primary 'Ghosh, R.'       4 ? 
primary 'Parkinson, G.N.' 5 ? 
primary 'Neidle, S.'      6 ? 
# 
_cell.entry_id           3EM2 
_cell.length_a           55.231 
_cell.length_b           42.709 
_cell.length_c           26.844 
_cell.angle_alpha        90.00 
_cell.angle_beta         90.00 
_cell.angle_gamma        90.00 
_cell.Z_PDB              8 
_cell.pdbx_unique_axis   ? 
_cell.length_a_esd       ? 
_cell.length_b_esd       ? 
_cell.length_c_esd       ? 
_cell.angle_alpha_esd    ? 
_cell.angle_beta_esd     ? 
_cell.angle_gamma_esd    ? 
# 
_symmetry.entry_id                         3EM2 
_symmetry.space_group_name_H-M             'P 21 21 2' 
_symmetry.pdbx_full_space_group_name_H-M   ? 
_symmetry.cell_setting                     ? 
_symmetry.Int_Tables_number                18 
_symmetry.space_group_name_Hall            ? 
# 
loop_
_entity.id 
_entity.type 
_entity.src_method 
_entity.pdbx_description 
_entity.formula_weight 
_entity.pdbx_number_of_molecules 
_entity.pdbx_ec 
_entity.pdbx_mutation 
_entity.pdbx_fragment 
_entity.details 
1 polymer     syn "5'-D(*DGP*DGP*DGP*DGP*DTP*DTP*DTP*DTP*DGP*DGP*DGP*DG)-3'" 3805.460 2  ? ? ? 
'Bimolecular anti-parallel-stranded DNA quadruplex' 
2 non-polymer syn 'POTASSIUM ION'                                            39.098   4  ? ? ? ? 
3 non-polymer syn '3,6-Bis[(3-morpholinopropionamido)] acridine'             491.582  1  ? ? ? ? 
4 water       nat water                                                      18.015   64 ? ? ? ? 
# 
_entity_poly.entity_id                      1 
_entity_poly.type                           polydeoxyribonucleotide 
_entity_poly.nstd_linkage                   no 
_entity_poly.nstd_monomer                   no 
_entity_poly.pdbx_seq_one_letter_code       '(DG)(DG)(DG)(DG)(DT)(DT)(DT)(DT)(DG)(DG)(DG)(DG)' 
_entity_poly.pdbx_seq_one_letter_code_can   GGGGTTTTGGGG 
_entity_poly.pdbx_strand_id                 A,B 
_entity_poly.pdbx_target_identifier         ? 
# 
loop_
_entity_poly_seq.entity_id 
_entity_poly_seq.num 
_entity_poly_seq.mon_id 
_entity_poly_seq.hetero 
1 1  DG n 
1 2  DG n 
1 3  DG n 
1 4  DG n 
1 5  DT n 
1 6  DT n 
1 7  DT n 
1 8  DT n 
1 9  DG n 
1 10 DG n 
1 11 DG n 
1 12 DG n 
# 
_pdbx_entity_src_syn.entity_id              1 
_pdbx_entity_src_syn.pdbx_src_id            1 
_pdbx_entity_src_syn.pdbx_alt_source_flag   sample 
_pdbx_entity_src_syn.pdbx_beg_seq_num       ? 
_pdbx_entity_src_syn.pdbx_end_seq_num       ? 
_pdbx_entity_src_syn.organism_scientific    ? 
_pdbx_entity_src_syn.organism_common_name   ? 
_pdbx_entity_src_syn.ncbi_taxonomy_id       ? 
_pdbx_entity_src_syn.details                'The sequence occurs naturally in Oxytricha nova' 
# 
_struct_ref.id                         1 
_struct_ref.db_name                    PDB 
_struct_ref.db_code                    3EM2 
_struct_ref.pdbx_db_accession          3EM2 
_struct_ref.entity_id                  1 
_struct_ref.pdbx_align_begin           1 
_struct_ref.pdbx_seq_one_letter_code   GGGGTTTTGGGG 
_struct_ref.pdbx_db_isoform            ? 
# 
loop_
_struct_ref_seq.align_id 
_struct_ref_seq.ref_id 
_struct_ref_seq.pdbx_PDB_id_code 
_struct_ref_seq.pdbx_strand_id 
_struct_ref_seq.seq_align_beg 
_struct_ref_seq.pdbx_seq_align_beg_ins_code 
_struct_ref_seq.seq_align_end 
_struct_ref_seq.pdbx_seq_align_end_ins_code 
_struct_ref_seq.pdbx_db_accession 
_struct_ref_seq.db_align_beg 
_struct_ref_seq.pdbx_db_align_beg_ins_code 
_struct_ref_seq.db_align_end 
_struct_ref_seq.pdbx_db_align_end_ins_code 
_struct_ref_seq.pdbx_auth_seq_align_beg 
_struct_ref_seq.pdbx_auth_seq_align_end 
1 1 3EM2 A 1 ? 12 ? 3EM2 1  ? 12 ? 1  12 
2 1 3EM2 B 1 ? 12 ? 3EM2 13 ? 24 ? 13 24 
# 
loop_
_chem_comp.id 
_chem_comp.type 
_chem_comp.mon_nstd_flag 
_chem_comp.name 
_chem_comp.pdbx_synonyms 
_chem_comp.formula 
_chem_comp.formula_weight 
DG  'DNA linking' y "2'-DEOXYGUANOSINE-5'-MONOPHOSPHATE"           ?                                                        
'C10 H14 N5 O7 P' 347.221 
DT  'DNA linking' y "THYMIDINE-5'-MONOPHOSPHATE"                   ?                                                        
'C10 H15 N2 O8 P' 322.208 
HOH non-polymer   . WATER                                          ?                                                        'H2 O' 
18.015  
K   non-polymer   . 'POTASSIUM ION'                                ?                                                        'K 1' 
39.098  
NCE non-polymer   . '3,6-Bis[(3-morpholinopropionamido)] acridine' "N,N'-acridine-3,6-diylbis(3-morpholin-4-ylpropanamide)" 
'C27 H33 N5 O4'   491.582 
# 
_exptl.entry_id          3EM2 
_exptl.method            'X-RAY DIFFRACTION' 
_exptl.crystals_number   1 
# 
_exptl_crystal.id                    1 
_exptl_crystal.density_meas          ? 
_exptl_crystal.density_Matthews      2.08 
_exptl_crystal.density_percent_sol   40.86 
_exptl_crystal.description           ? 
_exptl_crystal.F_000                 ? 
_exptl_crystal.preparation           ? 
# 
_exptl_crystal_grow.crystal_id      1 
_exptl_crystal_grow.method          'VAPOR DIFFUSION, HANGING DROP' 
_exptl_crystal_grow.temp            285.15 
_exptl_crystal_grow.temp_details    ? 
_exptl_crystal_grow.pH              7.0 
_exptl_crystal_grow.pdbx_details    
;2 microliter drops containing 5% v/v MPD, 0.50 mM DNA, 0.25 mM Ligand, 40 mM Potassium chloride, 5 mM Magnesium chloride, 4.1 mM Spermine equilibrated against 35% v/v MPD, pH 7.0, VAPOR DIFFUSION, HANGING DROP, temperature 285.15K
;
_exptl_crystal_grow.pdbx_pH_range   ? 
# 
loop_
_exptl_crystal_grow_comp.crystal_id 
_exptl_crystal_grow_comp.id 
_exptl_crystal_grow_comp.sol_id 
_exptl_crystal_grow_comp.name 
_exptl_crystal_grow_comp.volume 
_exptl_crystal_grow_comp.conc 
_exptl_crystal_grow_comp.details 
1 1 1 MPD                  ? ? ? 
1 2 1 'Potassium chloride' ? ? ? 
1 3 1 'Magnesium chloride' ? ? ? 
1 4 1 Spermine             ? ? ? 
1 5 2 MPD                  ? ? ? 
# 
_diffrn.id                     1 
_diffrn.ambient_temp           105 
_diffrn.ambient_temp_details   ? 
_diffrn.crystal_id             1 
# 
_diffrn_detector.diffrn_id              1 
_diffrn_detector.detector               'IMAGE PLATE' 
_diffrn_detector.type                   'RIGAKU RAXIS IV' 
_diffrn_detector.pdbx_collection_date   2006-05-31 
_diffrn_detector.details                mirrors 
# 
_diffrn_radiation.diffrn_id                        1 
_diffrn_radiation.wavelength_id                    1 
_diffrn_radiation.pdbx_monochromatic_or_laue_m_l   M 
_diffrn_radiation.monochromator                    'Osmic mirrors' 
_diffrn_radiation.pdbx_diffrn_protocol             'SINGLE WAVELENGTH' 
_diffrn_radiation.pdbx_scattering_type             x-ray 
# 
_diffrn_radiation_wavelength.id           1 
_diffrn_radiation_wavelength.wavelength   1.5418 
_diffrn_radiation_wavelength.wt           1.0 
# 
_diffrn_source.diffrn_id                   1 
_diffrn_source.source                      'ROTATING ANODE' 
_diffrn_source.type                        'RIGAKU RU200' 
_diffrn_source.pdbx_synchrotron_site       ? 
_diffrn_source.pdbx_synchrotron_beamline   ? 
_diffrn_source.pdbx_wavelength             ? 
_diffrn_source.pdbx_wavelength_list        1.5418 
# 
_reflns.entry_id                     3EM2 
_reflns.observed_criterion_sigma_I   3.00 
_reflns.observed_criterion_sigma_F   ? 
_reflns.d_resolution_low             33.79 
_reflns.d_resolution_high            2.30 
_reflns.number_obs                   3000 
_reflns.number_all                   3093 
_reflns.percent_possible_obs         97.0 
_reflns.pdbx_Rmerge_I_obs            0.057 
_reflns.pdbx_Rsym_value              ? 
_reflns.pdbx_netI_over_sigmaI        17.9 
_reflns.B_iso_Wilson_estimate        33.502 
_reflns.pdbx_redundancy              3.71 
_reflns.R_free_details               ? 
_reflns.pdbx_chi_squared             ? 
_reflns.pdbx_scaling_rejects         ? 
_reflns.pdbx_diffrn_id               1 
_reflns.pdbx_ordinal                 1 
# 
_reflns_shell.d_res_high             2.30 
_reflns_shell.d_res_low              2.38 
_reflns_shell.percent_possible_all   99.7 
_reflns_shell.Rmerge_I_obs           0.173 
_reflns_shell.pdbx_Rsym_value        ? 
_reflns_shell.meanI_over_sigI_obs    6.1 
_reflns_shell.pdbx_redundancy        3.59 
_reflns_shell.percent_possible_obs   ? 
_reflns_shell.number_unique_all      303 
_reflns_shell.number_measured_all    ? 
_reflns_shell.number_measured_obs    ? 
_reflns_shell.number_unique_obs      ? 
_reflns_shell.pdbx_chi_squared       ? 
_reflns_shell.pdbx_diffrn_id         ? 
_reflns_shell.pdbx_ordinal           1 
# 
_refine.entry_id                                 3EM2 
_refine.ls_number_reflns_obs                     3000 
_refine.ls_number_reflns_all                     ? 
_refine.pdbx_ls_sigma_I                          ? 
_refine.pdbx_ls_sigma_F                          ? 
_refine.pdbx_data_cutoff_high_absF               ? 
_refine.pdbx_data_cutoff_low_absF                ? 
_refine.pdbx_data_cutoff_high_rms_absF           ? 
_refine.ls_d_res_low                             27.62 
_refine.ls_d_res_high                            2.30 
_refine.ls_percent_reflns_obs                    96.96 
_refine.ls_R_factor_obs                          0.20706 
_refine.ls_R_factor_all                          ? 
_refine.ls_R_factor_R_work                       0.20255 
_refine.ls_R_factor_R_free                       0.29342 
_refine.ls_R_factor_R_free_error                 ? 
_refine.ls_R_factor_R_free_error_details         ? 
_refine.ls_percent_reflns_R_free                 4.8 
_refine.ls_number_reflns_R_free                  144 
_refine.ls_number_parameters                     ? 
_refine.ls_number_restraints                     ? 
_refine.occupancy_min                            ? 
_refine.occupancy_max                            ? 
_refine.correlation_coeff_Fo_to_Fc               0.938 
_refine.correlation_coeff_Fo_to_Fc_free          0.907 
_refine.B_iso_mean                               16.976 
_refine.aniso_B[1][1]                            -1.05 
_refine.aniso_B[2][2]                            -1.04 
_refine.aniso_B[3][3]                            2.09 
_refine.aniso_B[1][2]                            0.00 
_refine.aniso_B[1][3]                            0.00 
_refine.aniso_B[2][3]                            0.00 
_refine.solvent_model_details                    'BABINET MODEL WITH MASK' 
_refine.solvent_model_param_ksol                 ? 
_refine.solvent_model_param_bsol                 ? 
_refine.pdbx_solvent_vdw_probe_radii             1.20 
_refine.pdbx_solvent_ion_probe_radii             0.80 
_refine.pdbx_solvent_shrinkage_radii             0.80 
_refine.pdbx_ls_cross_valid_method               THROUGHOUT 
_refine.details                                  ? 
_refine.pdbx_starting_model                      'PDB entry 1L1H' 
_refine.pdbx_method_to_determine_struct          'MOLECULAR REPLACEMENT' 
_refine.pdbx_isotropic_thermal_model             overall 
_refine.pdbx_stereochemistry_target_values       'MAXIMUM LIKELIHOOD' 
_refine.pdbx_stereochem_target_val_spec_case     ? 
_refine.pdbx_R_Free_selection_details            RANDOM 
_refine.pdbx_overall_ESU_R                       0.369 
_refine.pdbx_overall_ESU_R_Free                  0.320 
_refine.overall_SU_ML                            0.176 
_refine.overall_SU_B                             7.267 
_refine.ls_redundancy_reflns_obs                 ? 
_refine.overall_SU_R_Cruickshank_DPI             ? 
_refine.overall_SU_R_free                        ? 
_refine.ls_wR_factor_R_free                      ? 
_refine.ls_wR_factor_R_work                      ? 
_refine.overall_FOM_free_R_set                   ? 
_refine.overall_FOM_work_R_set                   ? 
_refine.pdbx_overall_phase_error                 ? 
_refine.pdbx_refine_id                           'X-RAY DIFFRACTION' 
_refine.pdbx_diffrn_id                           1 
_refine.pdbx_TLS_residual_ADP_flag               ? 
_refine.pdbx_overall_SU_R_free_Cruickshank_DPI   ? 
_refine.pdbx_overall_SU_R_Blow_DPI               ? 
_refine.pdbx_overall_SU_R_free_Blow_DPI          ? 
# 
_refine_hist.pdbx_refine_id                   'X-RAY DIFFRACTION' 
_refine_hist.cycle_id                         LAST 
_refine_hist.pdbx_number_atoms_protein        0 
_refine_hist.pdbx_number_atoms_nucleic_acid   506 
_refine_hist.pdbx_number_atoms_ligand         40 
_refine_hist.number_atoms_solvent             64 
_refine_hist.number_atoms_total               610 
_refine_hist.d_res_high                       2.30 
_refine_hist.d_res_low                        27.62 
# 
loop_
_refine_ls_restr.type 
_refine_ls_restr.dev_ideal 
_refine_ls_restr.dev_ideal_target 
_refine_ls_restr.weight 
_refine_ls_restr.number 
_refine_ls_restr.pdbx_refine_id 
_refine_ls_restr.pdbx_restraint_function 
r_bond_refined_d         0.008 0.021 ? 608 'X-RAY DIFFRACTION' ? 
r_angle_refined_deg      2.152 3.173 ? 934 'X-RAY DIFFRACTION' ? 
r_chiral_restr           0.057 0.200 ? 94  'X-RAY DIFFRACTION' ? 
r_gen_planes_refined     0.006 0.020 ? 298 'X-RAY DIFFRACTION' ? 
r_nbd_refined            0.326 0.200 ? 207 'X-RAY DIFFRACTION' ? 
r_nbtor_refined          0.291 0.200 ? 337 'X-RAY DIFFRACTION' ? 
r_xyhbond_nbd_refined    0.166 0.200 ? 45  'X-RAY DIFFRACTION' ? 
r_metal_ion_refined      0.091 0.200 ? 8   'X-RAY DIFFRACTION' ? 
r_symmetry_vdw_refined   0.162 0.200 ? 21  'X-RAY DIFFRACTION' ? 
r_symmetry_hbond_refined 0.211 0.200 ? 10  'X-RAY DIFFRACTION' ? 
# 
_refine_ls_shell.pdbx_total_number_of_bins_used   20 
_refine_ls_shell.d_res_high                       2.300 
_refine_ls_shell.d_res_low                        2.359 
_refine_ls_shell.number_reflns_R_work             205 
_refine_ls_shell.R_factor_R_work                  0.254 
_refine_ls_shell.percent_reflns_obs               99.54 
_refine_ls_shell.R_factor_R_free                  0.378 
_refine_ls_shell.R_factor_R_free_error            ? 
_refine_ls_shell.percent_reflns_R_free            ? 
_refine_ls_shell.number_reflns_R_free             12 
_refine_ls_shell.number_reflns_all                ? 
_refine_ls_shell.R_factor_all                     ? 
_refine_ls_shell.number_reflns_obs                ? 
_refine_ls_shell.redundancy_reflns_obs            ? 
_refine_ls_shell.pdbx_refine_id                   'X-RAY DIFFRACTION' 
# 
_struct.entry_id                  3EM2 
_struct.title                     
'A bimolecular anti-parallel-stranded Oxytricha nova telomeric quadruplex in complex with a 3,6-disubstituted acridine BSU-6038' 
_struct.pdbx_model_details        ? 
_struct.pdbx_CASP_flag            ? 
_struct.pdbx_model_type_details   ? 
# 
_struct_keywords.entry_id        3EM2 
_struct_keywords.pdbx_keywords   DNA 
_struct_keywords.text            
'quadruplex, Oxytricha nova, BSU-6038, BSU6038, anti-parallel, bimolecular, macromolecule, G-quadruplex, DNA' 
# 
loop_
_struct_asym.id 
_struct_asym.pdbx_blank_PDB_chainid_flag 
_struct_asym.pdbx_modified 
_struct_asym.entity_id 
_struct_asym.details 
A N N 1 ? 
B N N 1 ? 
C N N 2 ? 
D N N 2 ? 
E N N 2 ? 
F N N 3 ? 
G N N 2 ? 
H N N 4 ? 
I N N 4 ? 
# 
_struct_biol.id        1 
_struct_biol.details   ? 
# 
loop_
_struct_conn.id 
_struct_conn.conn_type_id 
_struct_conn.pdbx_leaving_atom_flag 
_struct_conn.pdbx_PDB_id 
_struct_conn.ptnr1_label_asym_id 
_struct_conn.ptnr1_label_comp_id 
_struct_conn.ptnr1_label_seq_id 
_struct_conn.ptnr1_label_atom_id 
_struct_conn.pdbx_ptnr1_label_alt_id 
_struct_conn.pdbx_ptnr1_PDB_ins_code 
_struct_conn.pdbx_ptnr1_standard_comp_id 
_struct_conn.ptnr1_symmetry 
_struct_conn.ptnr2_label_asym_id 
_struct_conn.ptnr2_label_comp_id 
_struct_conn.ptnr2_label_seq_id 
_struct_conn.ptnr2_label_atom_id 
_struct_conn.pdbx_ptnr2_label_alt_id 
_struct_conn.pdbx_ptnr2_PDB_ins_code 
_struct_conn.ptnr1_auth_asym_id 
_struct_conn.ptnr1_auth_comp_id 
_struct_conn.ptnr1_auth_seq_id 
_struct_conn.ptnr2_auth_asym_id 
_struct_conn.ptnr2_auth_comp_id 
_struct_conn.ptnr2_auth_seq_id 
_struct_conn.ptnr2_symmetry 
_struct_conn.pdbx_ptnr3_label_atom_id 
_struct_conn.pdbx_ptnr3_label_seq_id 
_struct_conn.pdbx_ptnr3_label_comp_id 
_struct_conn.pdbx_ptnr3_label_asym_id 
_struct_conn.pdbx_ptnr3_label_alt_id 
_struct_conn.pdbx_ptnr3_PDB_ins_code 
_struct_conn.details 
_struct_conn.pdbx_dist_value 
_struct_conn.pdbx_value_order 
_struct_conn.pdbx_role 
metalc1  metalc ? ? A DG 1  O6 ? ? ? 1_555 C K   .  K  ? ? A DG 1  A K   26 1_555 ? ? ? ? ? ? ?               2.765 ? ? 
metalc2  metalc ? ? A DG 2  O6 ? ? ? 1_555 C K   .  K  ? ? A DG 2  A K   26 1_555 ? ? ? ? ? ? ?               2.842 ? ? 
metalc3  metalc ? ? A DG 2  O6 ? ? ? 1_555 D K   .  K  ? ? A DG 2  A K   27 1_555 ? ? ? ? ? ? ?               2.772 ? ? 
metalc4  metalc ? ? A DG 4  O6 ? ? ? 1_555 E K   .  K  ? ? A DG 4  A K   28 1_555 ? ? ? ? ? ? ?               2.722 ? ? 
metalc5  metalc ? ? A DG 9  O6 ? ? ? 1_555 E K   .  K  ? ? A DG 9  A K   28 1_555 ? ? ? ? ? ? ?               2.750 ? ? 
metalc6  metalc ? ? A DG 10 O6 ? ? ? 1_555 D K   .  K  ? ? A DG 10 A K   27 1_555 ? ? ? ? ? ? ?               2.814 ? ? 
metalc7  metalc ? ? A DG 11 O6 ? ? ? 1_555 C K   .  K  ? ? A DG 11 A K   26 1_555 ? ? ? ? ? ? ?               2.959 ? ? 
metalc8  metalc ? ? A DG 11 O6 ? ? ? 1_555 D K   .  K  ? ? A DG 11 A K   27 1_555 ? ? ? ? ? ? ?               2.977 ? ? 
metalc9  metalc ? ? A DG 12 O6 ? ? ? 1_555 C K   .  K  ? ? A DG 12 A K   26 1_555 ? ? ? ? ? ? ?               2.889 ? ? 
metalc10 metalc ? ? A DG 12 O6 ? ? ? 1_555 G K   .  K  ? ? A DG 12 B K   25 1_555 ? ? ? ? ? ? ?               2.897 ? ? 
metalc11 metalc ? ? C K  .  K  ? ? ? 1_555 B DG  4  O6 ? ? A K  26 B DG  16 1_555 ? ? ? ? ? ? ?               2.773 ? ? 
metalc12 metalc ? ? C K  .  K  ? ? ? 1_555 B DG  9  O6 ? ? A K  26 B DG  21 1_555 ? ? ? ? ? ? ?               2.848 ? ? 
metalc13 metalc ? ? C K  .  K  ? ? ? 1_555 B DG  10 O6 ? ? A K  26 B DG  22 1_555 ? ? ? ? ? ? ?               2.933 ? ? 
metalc14 metalc ? ? D K  .  K  ? ? ? 1_555 B DG  2  O6 ? ? A K  27 B DG  14 1_555 ? ? ? ? ? ? ?               2.884 ? ? 
metalc15 metalc ? ? D K  .  K  ? ? ? 1_555 B DG  3  O6 ? ? A K  27 B DG  15 1_555 ? ? ? ? ? ? ?               2.902 ? ? 
metalc16 metalc ? ? D K  .  K  ? ? ? 1_555 B DG  10 O6 ? ? A K  27 B DG  22 1_555 ? ? ? ? ? ? ?               2.943 ? ? 
metalc17 metalc ? ? D K  .  K  ? ? ? 1_555 B DG  11 O6 ? ? A K  27 B DG  23 1_555 ? ? ? ? ? ? ?               2.818 ? ? 
metalc18 metalc ? ? E K  .  K  ? ? ? 1_555 B DG  1  O6 ? ? A K  28 B DG  13 1_555 ? ? ? ? ? ? ?               2.813 ? ? 
metalc19 metalc ? ? E K  .  K  ? ? ? 1_555 B DG  12 O6 ? ? A K  28 B DG  24 1_555 ? ? ? ? ? ? ?               2.688 ? ? 
metalc20 metalc ? ? B DG 4  O6 ? ? ? 1_555 G K   .  K  ? ? B DG 16 B K   25 1_555 ? ? ? ? ? ? ?               2.941 ? ? 
metalc21 metalc ? ? B DT 5  O2 ? ? ? 1_555 G K   .  K  ? ? B DT 17 B K   25 1_555 ? ? ? ? ? ? ?               2.887 ? ? 
metalc22 metalc ? ? B DT 7  O2 ? ? ? 1_555 G K   .  K  ? ? B DT 19 B K   25 1_555 ? ? ? ? ? ? ?               2.577 ? ? 
metalc23 metalc ? ? G K  .  K  ? ? ? 1_555 I HOH .  O  ? ? B K  25 B HOH 41 1_555 ? ? ? ? ? ? ?               2.744 ? ? 
hydrog1  hydrog ? ? A DG 1  N7 ? ? ? 1_555 B DG  4  N2 ? ? A DG 1  B DG  16 1_555 ? ? ? ? ? ? TYPE_6_PAIR     ?     ? ? 
hydrog2  hydrog ? ? A DG 1  O6 ? ? ? 1_555 B DG  4  N1 ? ? A DG 1  B DG  16 1_555 ? ? ? ? ? ? TYPE_6_PAIR     ?     ? ? 
hydrog3  hydrog ? ? A DG 1  N1 ? ? ? 1_555 B DG  9  O6 ? ? A DG 1  B DG  21 1_555 ? ? ? ? ? ? TYPE_6_PAIR     ?     ? ? 
hydrog4  hydrog ? ? A DG 1  N2 ? ? ? 1_555 B DG  9  N7 ? ? A DG 1  B DG  21 1_555 ? ? ? ? ? ? TYPE_6_PAIR     ?     ? ? 
hydrog5  hydrog ? ? A DG 2  N1 ? ? ? 1_555 B DG  3  O6 ? ? A DG 2  B DG  15 1_555 ? ? ? ? ? ? TYPE_6_PAIR     ?     ? ? 
hydrog6  hydrog ? ? A DG 2  N2 ? ? ? 1_555 B DG  3  N7 ? ? A DG 2  B DG  15 1_555 ? ? ? ? ? ? TYPE_6_PAIR     ?     ? ? 
hydrog7  hydrog ? ? A DG 2  N7 ? ? ? 1_555 B DG  10 N2 ? ? A DG 2  B DG  22 1_555 ? ? ? ? ? ? TYPE_6_PAIR     ?     ? ? 
hydrog8  hydrog ? ? A DG 2  O6 ? ? ? 1_555 B DG  10 N1 ? ? A DG 2  B DG  22 1_555 ? ? ? ? ? ? TYPE_6_PAIR     ?     ? ? 
hydrog9  hydrog ? ? A DG 3  N7 ? ? ? 1_555 B DG  2  N2 ? ? A DG 3  B DG  14 1_555 ? ? ? ? ? ? TYPE_6_PAIR     ?     ? ? 
hydrog10 hydrog ? ? A DG 3  O6 ? ? ? 1_555 B DG  2  N1 ? ? A DG 3  B DG  14 1_555 ? ? ? ? ? ? TYPE_6_PAIR     ?     ? ? 
hydrog11 hydrog ? ? A DG 3  N1 ? ? ? 1_555 B DG  11 O6 ? ? A DG 3  B DG  23 1_555 ? ? ? ? ? ? TYPE_6_PAIR     ?     ? ? 
hydrog12 hydrog ? ? A DG 3  N2 ? ? ? 1_555 B DG  11 N7 ? ? A DG 3  B DG  23 1_555 ? ? ? ? ? ? TYPE_6_PAIR     ?     ? ? 
hydrog13 hydrog ? ? A DG 4  N1 ? ? ? 1_555 B DG  1  O6 ? ? A DG 4  B DG  13 1_555 ? ? ? ? ? ? TYPE_6_PAIR     ?     ? ? 
hydrog14 hydrog ? ? A DG 4  N2 ? ? ? 1_555 B DG  1  N7 ? ? A DG 4  B DG  13 1_555 ? ? ? ? ? ? TYPE_6_PAIR     ?     ? ? 
hydrog15 hydrog ? ? A DG 4  N7 ? ? ? 1_555 B DG  12 N2 ? ? A DG 4  B DG  24 1_555 ? ? ? ? ? ? TYPE_6_PAIR     ?     ? ? 
hydrog16 hydrog ? ? A DG 4  O6 ? ? ? 1_555 B DG  12 N1 ? ? A DG 4  B DG  24 1_555 ? ? ? ? ? ? TYPE_6_PAIR     ?     ? ? 
hydrog17 hydrog ? ? A DG 9  N7 ? ? ? 1_555 B DG  1  N2 ? ? A DG 9  B DG  13 1_555 ? ? ? ? ? ? TYPE_6_PAIR     ?     ? ? 
hydrog18 hydrog ? ? A DG 9  O6 ? ? ? 1_555 B DG  1  N1 ? ? A DG 9  B DG  13 1_555 ? ? ? ? ? ? TYPE_6_PAIR     ?     ? ? 
hydrog19 hydrog ? ? A DG 9  N1 ? ? ? 1_555 B DG  12 O6 ? ? A DG 9  B DG  24 1_555 ? ? ? ? ? ? TYPE_6_PAIR     ?     ? ? 
hydrog20 hydrog ? ? A DG 9  N2 ? ? ? 1_555 B DG  12 N7 ? ? A DG 9  B DG  24 1_555 ? ? ? ? ? ? TYPE_6_PAIR     ?     ? ? 
hydrog21 hydrog ? ? A DG 10 N1 ? ? ? 1_555 B DG  2  O6 ? ? A DG 10 B DG  14 1_555 ? ? ? ? ? ? TYPE_6_PAIR     ?     ? ? 
hydrog22 hydrog ? ? A DG 10 N2 ? ? ? 1_555 B DG  2  N7 ? ? A DG 10 B DG  14 1_555 ? ? ? ? ? ? TYPE_6_PAIR     ?     ? ? 
hydrog23 hydrog ? ? A DG 10 N7 ? ? ? 1_555 B DG  11 N2 ? ? A DG 10 B DG  23 1_555 ? ? ? ? ? ? TYPE_6_PAIR     ?     ? ? 
hydrog24 hydrog ? ? A DG 10 O6 ? ? ? 1_555 B DG  11 N1 ? ? A DG 10 B DG  23 1_555 ? ? ? ? ? ? TYPE_6_PAIR     ?     ? ? 
hydrog25 hydrog ? ? A DG 11 N7 ? ? ? 1_555 B DG  3  N2 ? ? A DG 11 B DG  15 1_555 ? ? ? ? ? ? TYPE_6_PAIR     ?     ? ? 
hydrog26 hydrog ? ? A DG 11 O6 ? ? ? 1_555 B DG  3  N1 ? ? A DG 11 B DG  15 1_555 ? ? ? ? ? ? TYPE_6_PAIR     ?     ? ? 
hydrog27 hydrog ? ? A DG 11 N1 ? ? ? 1_555 B DG  10 O6 ? ? A DG 11 B DG  22 1_555 ? ? ? ? ? ? TYPE_6_PAIR     ?     ? ? 
hydrog28 hydrog ? ? A DG 11 N2 ? ? ? 1_555 B DG  10 N7 ? ? A DG 11 B DG  22 1_555 ? ? ? ? ? ? TYPE_6_PAIR     ?     ? ? 
hydrog29 hydrog ? ? A DG 12 N1 ? ? ? 1_555 B DG  4  O6 ? ? A DG 12 B DG  16 1_555 ? ? ? ? ? ? TYPE_6_PAIR     ?     ? ? 
hydrog30 hydrog ? ? A DG 12 N2 ? ? ? 1_555 B DG  4  N7 ? ? A DG 12 B DG  16 1_555 ? ? ? ? ? ? TYPE_6_PAIR     ?     ? ? 
hydrog31 hydrog ? ? A DG 12 N7 ? ? ? 1_555 B DG  9  N2 ? ? A DG 12 B DG  21 1_555 ? ? ? ? ? ? TYPE_6_PAIR     ?     ? ? 
hydrog32 hydrog ? ? A DG 12 O6 ? ? ? 1_555 B DG  9  N1 ? ? A DG 12 B DG  21 1_555 ? ? ? ? ? ? TYPE_6_PAIR     ?     ? ? 
hydrog33 hydrog ? ? B DT 5  O2 ? ? ? 1_555 B DT  7  N3 ? ? B DT 17 B DT  19 1_555 ? ? ? ? ? ? 'DT-DT MISPAIR' ?     ? ? 
# 
loop_
_struct_conn_type.id 
_struct_conn_type.criteria 
_struct_conn_type.reference 
metalc ? ? 
hydrog ? ? 
# 
loop_
_struct_site.id 
_struct_site.pdbx_evidence_code 
_struct_site.pdbx_auth_asym_id 
_struct_site.pdbx_auth_comp_id 
_struct_site.pdbx_auth_seq_id 
_struct_site.pdbx_auth_ins_code 
_struct_site.pdbx_num_residues 
_struct_site.details 
AC1 Software A K   26 ? 10 'BINDING SITE FOR RESIDUE K A 26'   
AC2 Software A K   27 ? 10 'BINDING SITE FOR RESIDUE K A 27'   
AC3 Software A K   28 ? 9  'BINDING SITE FOR RESIDUE K A 28'   
AC4 Software A NCE 29 ? 9  'BINDING SITE FOR RESIDUE NCE A 29' 
AC5 Software B K   25 ? 9  'BINDING SITE FOR RESIDUE K B 25'   
1   ?        ? ?   ?  ? ?  ?                                   
# 
loop_
_struct_site_gen.id 
_struct_site_gen.site_id 
_struct_site_gen.pdbx_num_res 
_struct_site_gen.label_comp_id 
_struct_site_gen.label_asym_id 
_struct_site_gen.label_seq_id 
_struct_site_gen.pdbx_auth_ins_code 
_struct_site_gen.auth_comp_id 
_struct_site_gen.auth_asym_id 
_struct_site_gen.auth_seq_id 
_struct_site_gen.label_atom_id 
_struct_site_gen.label_alt_id 
_struct_site_gen.symmetry 
_struct_site_gen.details 
1  AC1 10 DG  A 1  ? DG  A 1  . ? 1_555 ? 
2  AC1 10 DG  A 2  ? DG  A 2  . ? 1_555 ? 
3  AC1 10 DG  A 11 ? DG  A 11 . ? 1_555 ? 
4  AC1 10 DG  A 12 ? DG  A 12 . ? 1_555 ? 
5  AC1 10 K   D .  ? K   A 27 . ? 1_555 ? 
6  AC1 10 DG  B 3  ? DG  B 15 . ? 1_555 ? 
7  AC1 10 DG  B 4  ? DG  B 16 . ? 1_555 ? 
8  AC1 10 DG  B 9  ? DG  B 21 . ? 1_555 ? 
9  AC1 10 DG  B 10 ? DG  B 22 . ? 1_555 ? 
10 AC1 10 K   G .  ? K   B 25 . ? 1_555 ? 
11 AC2 10 DG  A 2  ? DG  A 2  . ? 1_555 ? 
12 AC2 10 DG  A 3  ? DG  A 3  . ? 1_555 ? 
13 AC2 10 DG  A 10 ? DG  A 10 . ? 1_555 ? 
14 AC2 10 DG  A 11 ? DG  A 11 . ? 1_555 ? 
15 AC2 10 K   C .  ? K   A 26 . ? 1_555 ? 
16 AC2 10 K   E .  ? K   A 28 . ? 1_555 ? 
17 AC2 10 DG  B 2  ? DG  B 14 . ? 1_555 ? 
18 AC2 10 DG  B 3  ? DG  B 15 . ? 1_555 ? 
19 AC2 10 DG  B 10 ? DG  B 22 . ? 1_555 ? 
20 AC2 10 DG  B 11 ? DG  B 23 . ? 1_555 ? 
21 AC3 9  DG  A 3  ? DG  A 3  . ? 1_555 ? 
22 AC3 9  DG  A 4  ? DG  A 4  . ? 1_555 ? 
23 AC3 9  DG  A 9  ? DG  A 9  . ? 1_555 ? 
24 AC3 9  DG  A 10 ? DG  A 10 . ? 1_555 ? 
25 AC3 9  K   D .  ? K   A 27 . ? 1_555 ? 
26 AC3 9  DG  B 1  ? DG  B 13 . ? 1_555 ? 
27 AC3 9  DG  B 2  ? DG  B 14 . ? 1_555 ? 
28 AC3 9  DG  B 11 ? DG  B 23 . ? 1_555 ? 
29 AC3 9  DG  B 12 ? DG  B 24 . ? 1_555 ? 
30 AC4 9  DT  A 6  ? DT  A 6  . ? 1_555 ? 
31 AC4 9  DT  A 7  ? DT  A 7  . ? 1_555 ? 
32 AC4 9  DT  A 8  ? DT  A 8  . ? 1_555 ? 
33 AC4 9  DG  A 9  ? DG  A 9  . ? 1_555 ? 
34 AC4 9  DG  B 1  ? DG  B 13 . ? 1_555 ? 
35 AC4 9  DT  B 8  ? DT  B 20 . ? 3_556 ? 
36 AC4 9  DG  B 9  ? DG  B 21 . ? 3_556 ? 
37 AC4 9  DG  B 12 ? DG  B 24 . ? 1_555 ? 
38 AC4 9  HOH I .  ? HOH B 30 . ? 1_555 ? 
39 AC5 9  DG  A 1  ? DG  A 1  . ? 1_555 ? 
40 AC5 9  DG  A 12 ? DG  A 12 . ? 1_555 ? 
41 AC5 9  K   C .  ? K   A 26 . ? 1_555 ? 
42 AC5 9  DG  B 4  ? DG  B 16 . ? 1_555 ? 
43 AC5 9  DT  B 5  ? DT  B 17 . ? 1_555 ? 
44 AC5 9  DT  B 7  ? DT  B 19 . ? 1_555 ? 
45 AC5 9  DG  B 9  ? DG  B 21 . ? 1_555 ? 
46 AC5 9  HOH I .  ? HOH B 40 . ? 1_555 ? 
47 AC5 9  HOH I .  ? HOH B 41 . ? 1_555 ? 
# 
_atom_sites.entry_id                    3EM2 
_atom_sites.fract_transf_matrix[1][1]   0.00335128 
_atom_sites.fract_transf_matrix[1][2]   -0.01216582 
_atom_sites.fract_transf_matrix[1][3]   0.01298419 
_atom_sites.fract_transf_matrix[2][1]   0.02299042 
_atom_sites.fract_transf_matrix[2][2]   0.00226630 
_atom_sites.fract_transf_matrix[2][3]   -0.00381047 
_atom_sites.fract_transf_matrix[3][1]   0.00148780 
_atom_sites.fract_transf_matrix[3][2]   0.02735302 
_atom_sites.fract_transf_matrix[3][3]   0.02524500 
_atom_sites.fract_transf_vector[1]      0.374305 
_atom_sites.fract_transf_vector[2]      0.260106 
_atom_sites.fract_transf_vector[3]      0.438673 
# 
loop_
_atom_type.symbol 
C 
K 
N 
O 
P 
# 
loop_
_atom_site.group_PDB 
_atom_site.id 
_atom_site.type_symbol 
_atom_site.label_atom_id 
_atom_site.label_alt_id 
_atom_site.label_comp_id 
_atom_site.label_asym_id 
_atom_site.label_entity_id 
_atom_site.label_seq_id 
_atom_site.pdbx_PDB_ins_code 
_atom_site.Cartn_x 
_atom_site.Cartn_y 
_atom_site.Cartn_z 
_atom_site.occupancy 
_atom_site.B_iso_or_equiv 
_atom_site.pdbx_formal_charge 
_atom_site.auth_seq_id 
_atom_site.auth_comp_id 
_atom_site.auth_asym_id 
_atom_site.auth_atom_id 
_atom_site.pdbx_PDB_model_num 
ATOM   1   O "O5'" . DG  A 1 1  ? -7.699  7.945   0.631   1.00 22.10 ? 1  DG  A "O5'" 1 
ATOM   2   C "C5'" . DG  A 1 1  ? -7.749  8.783   1.775   1.00 17.79 ? 1  DG  A "C5'" 1 
ATOM   3   C "C4'" . DG  A 1 1  ? -6.400  9.382   2.151   1.00 17.30 ? 1  DG  A "C4'" 1 
ATOM   4   O "O4'" . DG  A 1 1  ? -5.738  8.496   3.084   1.00 15.79 ? 1  DG  A "O4'" 1 
ATOM   5   C "C3'" . DG  A 1 1  ? -5.377  9.651   1.041   1.00 15.92 ? 1  DG  A "C3'" 1 
ATOM   6   O "O3'" . DG  A 1 1  ? -4.658  10.840  1.362   1.00 15.83 ? 1  DG  A "O3'" 1 
ATOM   7   C "C2'" . DG  A 1 1  ? -4.444  8.453   1.141   1.00 15.91 ? 1  DG  A "C2'" 1 
ATOM   8   C "C1'" . DG  A 1 1  ? -4.399  8.281   2.656   1.00 14.77 ? 1  DG  A "C1'" 1 
ATOM   9   N N9    . DG  A 1 1  ? -3.970  6.964   3.100   1.00 12.46 ? 1  DG  A N9    1 
ATOM   10  C C8    . DG  A 1 1  ? -3.020  6.709   4.059   1.00 12.31 ? 1  DG  A C8    1 
ATOM   11  N N7    . DG  A 1 1  ? -2.826  5.432   4.278   1.00 12.32 ? 1  DG  A N7    1 
ATOM   12  C C5    . DG  A 1 1  ? -3.709  4.802   3.397   1.00 12.96 ? 1  DG  A C5    1 
ATOM   13  C C6    . DG  A 1 1  ? -3.966  3.424   3.168   1.00 12.91 ? 1  DG  A C6    1 
ATOM   14  O O6    . DG  A 1 1  ? -3.438  2.449   3.711   1.00 16.24 ? 1  DG  A O6    1 
ATOM   15  N N1    . DG  A 1 1  ? -4.923  3.172   2.190   1.00 11.75 ? 1  DG  A N1    1 
ATOM   16  C C2    . DG  A 1 1  ? -5.584  4.156   1.509   1.00 11.15 ? 1  DG  A C2    1 
ATOM   17  N N2    . DG  A 1 1  ? -6.479  3.741   0.620   1.00 10.02 ? 1  DG  A N2    1 
ATOM   18  N N3    . DG  A 1 1  ? -5.366  5.456   1.710   1.00 13.03 ? 1  DG  A N3    1 
ATOM   19  C C4    . DG  A 1 1  ? -4.423  5.724   2.665   1.00 12.15 ? 1  DG  A C4    1 
ATOM   20  P P     . DG  A 1 2  ? -3.554  11.504  0.408   1.00 14.94 ? 2  DG  A P     1 
ATOM   21  O OP1   . DG  A 1 2  ? -3.511  12.939  0.783   1.00 15.87 ? 2  DG  A OP1   1 
ATOM   22  O OP2   . DG  A 1 2  ? -3.788  11.109  -0.994  1.00 15.10 ? 2  DG  A OP2   1 
ATOM   23  O "O5'" . DG  A 1 2  ? -2.203  10.844  0.902   1.00 15.82 ? 2  DG  A "O5'" 1 
ATOM   24  C "C5'" . DG  A 1 2  ? -1.743  11.113  2.225   1.00 15.57 ? 2  DG  A "C5'" 1 
ATOM   25  C "C4'" . DG  A 1 2  ? -0.548  10.231  2.506   1.00 15.30 ? 2  DG  A "C4'" 1 
ATOM   26  O "O4'" . DG  A 1 2  ? -0.983  8.854   2.537   1.00 15.65 ? 2  DG  A "O4'" 1 
ATOM   27  C "C3'" . DG  A 1 2  ? 0.572   10.282  1.462   1.00 15.38 ? 2  DG  A "C3'" 1 
ATOM   28  O "O3'" . DG  A 1 2  ? 1.811   10.231  2.134   1.00 18.38 ? 2  DG  A "O3'" 1 
ATOM   29  C "C2'" . DG  A 1 2  ? 0.386   8.997   0.668   1.00 14.85 ? 2  DG  A "C2'" 1 
ATOM   30  C "C1'" . DG  A 1 2  ? -0.010  8.101   1.829   1.00 13.92 ? 2  DG  A "C1'" 1 
ATOM   31  N N9    . DG  A 1 2  ? -0.564  6.803   1.466   1.00 13.53 ? 2  DG  A N9    1 
ATOM   32  C C8    . DG  A 1 2  ? -1.522  6.502   0.504   1.00 12.85 ? 2  DG  A C8    1 
ATOM   33  N N7    . DG  A 1 2  ? -1.802  5.229   0.421   1.00 12.95 ? 2  DG  A N7    1 
ATOM   34  C C5    . DG  A 1 2  ? -0.978  4.660   1.400   1.00 12.87 ? 2  DG  A C5    1 
ATOM   35  C C6    . DG  A 1 2  ? -0.823  3.318   1.804   1.00 11.98 ? 2  DG  A C6    1 
ATOM   36  O O6    . DG  A 1 2  ? -1.407  2.335   1.360   1.00 13.50 ? 2  DG  A O6    1 
ATOM   37  N N1    . DG  A 1 2  ? 0.111   3.139   2.819   1.00 12.53 ? 2  DG  A N1    1 
ATOM   38  C C2    . DG  A 1 2  ? 0.839   4.166   3.405   1.00 12.60 ? 2  DG  A C2    1 
ATOM   39  N N2    . DG  A 1 2  ? 1.713   3.838   4.376   1.00 11.02 ? 2  DG  A N2    1 
ATOM   40  N N3    . DG  A 1 2  ? 0.703   5.430   3.041   1.00 13.20 ? 2  DG  A N3    1 
ATOM   41  C C4    . DG  A 1 2  ? -0.211  5.606   2.047   1.00 13.33 ? 2  DG  A C4    1 
ATOM   42  P P     . DG  A 1 3  ? 3.201   10.630  1.446   1.00 19.94 ? 3  DG  A P     1 
ATOM   43  O OP1   . DG  A 1 3  ? 3.361   12.085  1.659   1.00 21.32 ? 3  DG  A OP1   1 
ATOM   44  O OP2   . DG  A 1 3  ? 3.317   10.038  0.095   1.00 20.11 ? 3  DG  A OP2   1 
ATOM   45  O "O5'" . DG  A 1 3  ? 4.226   9.852   2.372   1.00 20.18 ? 3  DG  A "O5'" 1 
ATOM   46  C "C5'" . DG  A 1 3  ? 4.065   8.472   2.562   1.00 16.66 ? 3  DG  A "C5'" 1 
ATOM   47  C "C4'" . DG  A 1 3  ? 5.278   7.994   3.329   1.00 16.85 ? 3  DG  A "C4'" 1 
ATOM   48  O "O4'" . DG  A 1 3  ? 5.102   6.609   3.704   1.00 16.19 ? 3  DG  A "O4'" 1 
ATOM   49  C "C3'" . DG  A 1 3  ? 6.572   8.043   2.536   1.00 16.69 ? 3  DG  A "C3'" 1 
ATOM   50  O "O3'" . DG  A 1 3  ? 7.647   8.226   3.457   1.00 17.45 ? 3  DG  A "O3'" 1 
ATOM   51  C "C2'" . DG  A 1 3  ? 6.569   6.675   1.869   1.00 15.49 ? 3  DG  A "C2'" 1 
ATOM   52  C "C1'" . DG  A 1 3  ? 6.046   5.825   3.017   1.00 14.31 ? 3  DG  A "C1'" 1 
ATOM   53  N N9    . DG  A 1 3  ? 5.371   4.605   2.616   1.00 14.66 ? 3  DG  A N9    1 
ATOM   54  C C8    . DG  A 1 3  ? 5.687   3.360   3.085   1.00 14.90 ? 3  DG  A C8    1 
ATOM   55  N N7    . DG  A 1 3  ? 4.945   2.429   2.582   1.00 14.61 ? 3  DG  A N7    1 
ATOM   56  C C5    . DG  A 1 3  ? 4.087   3.099   1.720   1.00 14.37 ? 3  DG  A C5    1 
ATOM   57  C C6    . DG  A 1 3  ? 3.063   2.598   0.893   1.00 14.32 ? 3  DG  A C6    1 
ATOM   58  O O6    . DG  A 1 3  ? 2.733   1.421   0.783   1.00 13.24 ? 3  DG  A O6    1 
ATOM   59  N N1    . DG  A 1 3  ? 2.403   3.590   0.146   1.00 15.02 ? 3  DG  A N1    1 
ATOM   60  C C2    . DG  A 1 3  ? 2.717   4.931   0.217   1.00 15.56 ? 3  DG  A C2    1 
ATOM   61  N N2    . DG  A 1 3  ? 1.999   5.770   -0.534  1.00 16.42 ? 3  DG  A N2    1 
ATOM   62  N N3    . DG  A 1 3  ? 3.675   5.415   0.993   1.00 15.09 ? 3  DG  A N3    1 
ATOM   63  C C4    . DG  A 1 3  ? 4.327   4.450   1.720   1.00 15.67 ? 3  DG  A C4    1 
ATOM   64  P P     . DG  A 1 4  ? 9.172   8.364   3.012   1.00 18.92 ? 4  DG  A P     1 
ATOM   65  O OP1   . DG  A 1 4  ? 9.875   9.105   4.088   1.00 17.43 ? 4  DG  A OP1   1 
ATOM   66  O OP2   . DG  A 1 4  ? 9.237   8.778   1.606   1.00 16.22 ? 4  DG  A OP2   1 
ATOM   67  O "O5'" . DG  A 1 4  ? 9.668   6.853   3.037   1.00 19.24 ? 4  DG  A "O5'" 1 
ATOM   68  C "C5'" . DG  A 1 4  ? 9.814   6.059   4.222   1.00 17.63 ? 4  DG  A "C5'" 1 
ATOM   69  C "C4'" . DG  A 1 4  ? 10.200  4.668   3.762   1.00 16.33 ? 4  DG  A "C4'" 1 
ATOM   70  O "O4'" . DG  A 1 4  ? 9.096   4.071   3.024   1.00 15.77 ? 4  DG  A "O4'" 1 
ATOM   71  C "C3'" . DG  A 1 4  ? 11.408  4.569   2.823   1.00 17.24 ? 4  DG  A "C3'" 1 
ATOM   72  O "O3'" . DG  A 1 4  ? 12.255  3.567   3.379   1.00 18.46 ? 4  DG  A "O3'" 1 
ATOM   73  C "C2'" . DG  A 1 4  ? 10.797  4.131   1.481   1.00 16.76 ? 4  DG  A "C2'" 1 
ATOM   74  C "C1'" . DG  A 1 4  ? 9.605   3.296   1.953   1.00 14.59 ? 4  DG  A "C1'" 1 
ATOM   75  N N9    . DG  A 1 4  ? 8.495   3.087   1.018   1.00 13.09 ? 4  DG  A N9    1 
ATOM   76  C C8    . DG  A 1 4  ? 7.888   4.056   0.254   1.00 11.33 ? 4  DG  A C8    1 
ATOM   77  N N7    . DG  A 1 4  ? 6.901   3.605   -0.467  1.00 11.53 ? 4  DG  A N7    1 
ATOM   78  C C5    . DG  A 1 4  ? 6.839   2.252   -0.160  1.00 11.43 ? 4  DG  A C5    1 
ATOM   79  C C6    . DG  A 1 4  ? 5.967   1.251   -0.647  1.00 12.26 ? 4  DG  A C6    1 
ATOM   80  O O6    . DG  A 1 4  ? 5.056   1.411   -1.474  1.00 14.57 ? 4  DG  A O6    1 
ATOM   81  N N1    . DG  A 1 4  ? 6.206   -0.029  -0.104  1.00 10.90 ? 4  DG  A N1    1 
ATOM   82  C C2    . DG  A 1 4  ? 7.213   -0.290  0.813   1.00 12.01 ? 4  DG  A C2    1 
ATOM   83  N N2    . DG  A 1 4  ? 7.338   -1.561  1.248   1.00 10.27 ? 4  DG  A N2    1 
ATOM   84  N N3    . DG  A 1 4  ? 8.038   0.661   1.272   1.00 11.90 ? 4  DG  A N3    1 
ATOM   85  C C4    . DG  A 1 4  ? 7.807   1.905   0.755   1.00 12.46 ? 4  DG  A C4    1 
ATOM   86  P P     . DT  A 1 5  ? 13.728  3.244   2.873   1.00 19.14 ? 5  DT  A P     1 
ATOM   87  O OP1   . DT  A 1 5  ? 14.597  3.173   4.073   1.00 18.39 ? 5  DT  A OP1   1 
ATOM   88  O OP2   . DT  A 1 5  ? 14.087  4.173   1.767   1.00 21.15 ? 5  DT  A OP2   1 
ATOM   89  O "O5'" . DT  A 1 5  ? 13.500  1.792   2.223   1.00 19.05 ? 5  DT  A "O5'" 1 
ATOM   90  C "C5'" . DT  A 1 5  ? 14.571  0.898   1.980   1.00 19.48 ? 5  DT  A "C5'" 1 
ATOM   91  C "C4'" . DT  A 1 5  ? 14.040  -0.445  1.515   1.00 19.51 ? 5  DT  A "C4'" 1 
ATOM   92  O "O4'" . DT  A 1 5  ? 13.307  -1.088  2.584   1.00 20.42 ? 5  DT  A "O4'" 1 
ATOM   93  C "C3'" . DT  A 1 5  ? 13.045  -0.394  0.367   1.00 20.16 ? 5  DT  A "C3'" 1 
ATOM   94  O "O3'" . DT  A 1 5  ? 13.162  -1.597  -0.382  1.00 19.48 ? 5  DT  A "O3'" 1 
ATOM   95  C "C2'" . DT  A 1 5  ? 11.684  -0.317  1.063   1.00 20.47 ? 5  DT  A "C2'" 1 
ATOM   96  C "C1'" . DT  A 1 5  ? 11.936  -1.257  2.230   1.00 20.33 ? 5  DT  A "C1'" 1 
ATOM   97  N N1    . DT  A 1 5  ? 11.055  -0.895  3.370   1.00 20.63 ? 5  DT  A N1    1 
ATOM   98  C C2    . DT  A 1 5  ? 9.904   -1.620  3.616   1.00 20.21 ? 5  DT  A C2    1 
ATOM   99  O O2    . DT  A 1 5  ? 9.524   -2.582  2.957   1.00 20.35 ? 5  DT  A O2    1 
ATOM   100 N N3    . DT  A 1 5  ? 9.194   -1.159  4.689   1.00 19.33 ? 5  DT  A N3    1 
ATOM   101 C C4    . DT  A 1 5  ? 9.513   -0.087  5.495   1.00 20.35 ? 5  DT  A C4    1 
ATOM   102 O O4    . DT  A 1 5  ? 8.791   0.216   6.421   1.00 22.40 ? 5  DT  A O4    1 
ATOM   103 C C5    . DT  A 1 5  ? 10.728  0.631   5.186   1.00 20.18 ? 5  DT  A C5    1 
ATOM   104 C C7    . DT  A 1 5  ? 11.199  1.820   5.978   1.00 21.49 ? 5  DT  A C7    1 
ATOM   105 C C6    . DT  A 1 5  ? 11.425  0.191   4.147   1.00 19.95 ? 5  DT  A C6    1 
ATOM   106 P P     . DT  A 1 6  ? 12.599  -1.665  -1.861  1.00 19.28 ? 6  DT  A P     1 
ATOM   107 O OP1   . DT  A 1 6  ? 13.121  -2.929  -2.433  1.00 19.24 ? 6  DT  A OP1   1 
ATOM   108 O OP2   . DT  A 1 6  ? 12.889  -0.387  -2.560  1.00 20.09 ? 6  DT  A OP2   1 
ATOM   109 O "O5'" . DT  A 1 6  ? 11.011  -1.699  -1.599  1.00 17.61 ? 6  DT  A "O5'" 1 
ATOM   110 C "C5'" . DT  A 1 6  ? 10.257  -2.922  -1.553  1.00 15.82 ? 6  DT  A "C5'" 1 
ATOM   111 C "C4'" . DT  A 1 6  ? 9.020   -2.803  -2.419  1.00 14.13 ? 6  DT  A "C4'" 1 
ATOM   112 O "O4'" . DT  A 1 6  ? 8.254   -1.644  -2.003  1.00 13.91 ? 6  DT  A "O4'" 1 
ATOM   113 C "C3'" . DT  A 1 6  ? 9.300   -2.560  -3.897  1.00 14.83 ? 6  DT  A "C3'" 1 
ATOM   114 O "O3'" . DT  A 1 6  ? 9.472   -3.835  -4.491  1.00 16.10 ? 6  DT  A "O3'" 1 
ATOM   115 C "C2'" . DT  A 1 6  ? 8.021   -1.858  -4.369  1.00 13.00 ? 6  DT  A "C2'" 1 
ATOM   116 C "C1'" . DT  A 1 6  ? 7.610   -1.069  -3.134  1.00 12.34 ? 6  DT  A "C1'" 1 
ATOM   117 N N1    . DT  A 1 6  ? 7.941   0.400   -3.224  1.00 12.46 ? 6  DT  A N1    1 
ATOM   118 C C2    . DT  A 1 6  ? 7.089   1.192   -3.964  1.00 11.99 ? 6  DT  A C2    1 
ATOM   119 O O2    . DT  A 1 6  ? 6.104   0.756   -4.542  1.00 13.33 ? 6  DT  A O2    1 
ATOM   120 N N3    . DT  A 1 6  ? 7.446   2.512   -4.006  1.00 10.69 ? 6  DT  A N3    1 
ATOM   121 C C4    . DT  A 1 6  ? 8.537   3.117   -3.389  1.00 11.82 ? 6  DT  A C4    1 
ATOM   122 O O4    . DT  A 1 6  ? 8.741   4.329   -3.503  1.00 11.43 ? 6  DT  A O4    1 
ATOM   123 C C5    . DT  A 1 6  ? 9.393   2.224   -2.630  1.00 9.80  ? 6  DT  A C5    1 
ATOM   124 C C7    . DT  A 1 6  ? 10.610  2.732   -1.902  1.00 11.91 ? 6  DT  A C7    1 
ATOM   125 C C6    . DT  A 1 6  ? 9.052   0.930   -2.584  1.00 9.38  ? 6  DT  A C6    1 
ATOM   126 P P     . DT  A 1 7  ? 9.981   -4.055  -5.977  1.00 16.60 ? 7  DT  A P     1 
ATOM   127 O OP1   . DT  A 1 7  ? 10.009  -5.520  -6.195  1.00 17.31 ? 7  DT  A OP1   1 
ATOM   128 O OP2   . DT  A 1 7  ? 11.183  -3.214  -6.128  1.00 17.08 ? 7  DT  A OP2   1 
ATOM   129 O "O5'" . DT  A 1 7  ? 8.865   -3.363  -6.895  1.00 18.10 ? 7  DT  A "O5'" 1 
ATOM   130 C "C5'" . DT  A 1 7  ? 8.058   -4.054  -7.824  1.00 18.32 ? 7  DT  A "C5'" 1 
ATOM   131 C "C4'" . DT  A 1 7  ? 7.258   -3.054  -8.646  1.00 18.67 ? 7  DT  A "C4'" 1 
ATOM   132 O "O4'" . DT  A 1 7  ? 7.357   -1.682  -8.159  1.00 18.43 ? 7  DT  A "O4'" 1 
ATOM   133 C "C3'" . DT  A 1 7  ? 7.639   -2.987  -10.118 1.00 19.19 ? 7  DT  A "C3'" 1 
ATOM   134 O "O3'" . DT  A 1 7  ? 6.544   -3.504  -10.872 1.00 20.99 ? 7  DT  A "O3'" 1 
ATOM   135 C "C2'" . DT  A 1 7  ? 7.847   -1.495  -10.370 1.00 17.50 ? 7  DT  A "C2'" 1 
ATOM   136 C "C1'" . DT  A 1 7  ? 6.997   -0.882  -9.265  1.00 16.50 ? 7  DT  A "C1'" 1 
ATOM   137 N N1    . DT  A 1 7  ? 7.294   0.572   -9.097  1.00 14.65 ? 7  DT  A N1    1 
ATOM   138 C C2    . DT  A 1 7  ? 6.681   1.446   -9.980  1.00 14.77 ? 7  DT  A C2    1 
ATOM   139 O O2    . DT  A 1 7  ? 5.906   1.103   -10.849 1.00 15.40 ? 7  DT  A O2    1 
ATOM   140 N N3    . DT  A 1 7  ? 7.003   2.773   -9.820  1.00 13.23 ? 7  DT  A N3    1 
ATOM   141 C C4    . DT  A 1 7  ? 7.877   3.300   -8.885  1.00 13.34 ? 7  DT  A C4    1 
ATOM   142 O O4    . DT  A 1 7  ? 8.088   4.501   -8.837  1.00 13.16 ? 7  DT  A O4    1 
ATOM   143 C C5    . DT  A 1 7  ? 8.505   2.339   -7.986  1.00 13.38 ? 7  DT  A C5    1 
ATOM   144 C C7    . DT  A 1 7  ? 9.469   2.828   -6.941  1.00 14.74 ? 7  DT  A C7    1 
ATOM   145 C C6    . DT  A 1 7  ? 8.190   1.033   -8.132  1.00 13.21 ? 7  DT  A C6    1 
ATOM   146 P P     . DT  A 1 8  ? 6.549   -4.991  -11.451 1.00 21.88 ? 8  DT  A P     1 
ATOM   147 O OP1   . DT  A 1 8  ? 6.623   -5.948  -10.324 1.00 23.52 ? 8  DT  A OP1   1 
ATOM   148 O OP2   . DT  A 1 8  ? 7.540   -5.092  -12.539 1.00 23.18 ? 8  DT  A OP2   1 
ATOM   149 O "O5'" . DT  A 1 8  ? 5.087   -5.021  -12.077 1.00 23.97 ? 8  DT  A "O5'" 1 
ATOM   150 C "C5'" . DT  A 1 8  ? 4.696   -4.009  -13.017 1.00 23.20 ? 8  DT  A "C5'" 1 
ATOM   151 C "C4'" . DT  A 1 8  ? 3.246   -4.196  -13.415 1.00 21.86 ? 8  DT  A "C4'" 1 
ATOM   152 O "O4'" . DT  A 1 8  ? 2.973   -5.584  -13.719 1.00 20.41 ? 8  DT  A "O4'" 1 
ATOM   153 C "C3'" . DT  A 1 8  ? 2.249   -3.811  -12.345 1.00 21.31 ? 8  DT  A "C3'" 1 
ATOM   154 O "O3'" . DT  A 1 8  ? 1.135   -3.215  -12.987 1.00 21.76 ? 8  DT  A "O3'" 1 
ATOM   155 C "C2'" . DT  A 1 8  ? 1.859   -5.145  -11.723 1.00 21.29 ? 8  DT  A "C2'" 1 
ATOM   156 C "C1'" . DT  A 1 8  ? 1.910   -6.060  -12.938 1.00 20.82 ? 8  DT  A "C1'" 1 
ATOM   157 N N1    . DT  A 1 8  ? 2.206   -7.493  -12.638 1.00 19.71 ? 8  DT  A N1    1 
ATOM   158 C C2    . DT  A 1 8  ? 1.207   -8.454  -12.750 1.00 19.98 ? 8  DT  A C2    1 
ATOM   159 O O2    . DT  A 1 8  ? 0.049   -8.222  -13.079 1.00 19.83 ? 8  DT  A O2    1 
ATOM   160 N N3    . DT  A 1 8  ? 1.632   -9.733  -12.458 1.00 20.92 ? 8  DT  A N3    1 
ATOM   161 C C4    . DT  A 1 8  ? 2.904   -10.133 -12.067 1.00 20.32 ? 8  DT  A C4    1 
ATOM   162 O O4    . DT  A 1 8  ? 3.149   -11.314 -11.833 1.00 22.08 ? 8  DT  A O4    1 
ATOM   163 C C5    . DT  A 1 8  ? 3.897   -9.082  -11.974 1.00 19.60 ? 8  DT  A C5    1 
ATOM   164 C C7    . DT  A 1 8  ? 5.320   -9.359  -11.571 1.00 19.46 ? 8  DT  A C7    1 
ATOM   165 C C6    . DT  A 1 8  ? 3.498   -7.837  -12.261 1.00 19.85 ? 8  DT  A C6    1 
ATOM   166 P P     . DG  A 1 9  ? 0.847   -1.641  -12.920 1.00 19.86 ? 9  DG  A P     1 
ATOM   167 O OP1   . DG  A 1 9  ? -0.307  -1.473  -13.836 1.00 21.10 ? 9  DG  A OP1   1 
ATOM   168 O OP2   . DG  A 1 9  ? 2.105   -0.904  -13.170 1.00 20.20 ? 9  DG  A OP2   1 
ATOM   169 O "O5'" . DG  A 1 9  ? 0.406   -1.347  -11.400 1.00 19.08 ? 9  DG  A "O5'" 1 
ATOM   170 C "C5'" . DG  A 1 9  ? -0.962  -1.364  -10.987 1.00 17.11 ? 9  DG  A "C5'" 1 
ATOM   171 C "C4'" . DG  A 1 9  ? -1.384  -2.789  -10.652 1.00 16.63 ? 9  DG  A "C4'" 1 
ATOM   172 O "O4'" . DG  A 1 9  ? -0.442  -3.396  -9.730  1.00 16.21 ? 9  DG  A "O4'" 1 
ATOM   173 C "C3'" . DG  A 1 9  ? -2.741  -2.970  -9.993  1.00 17.13 ? 9  DG  A "C3'" 1 
ATOM   174 O "O3'" . DG  A 1 9  ? -3.257  -4.251  -10.386 1.00 19.66 ? 9  DG  A "O3'" 1 
ATOM   175 C "C2'" . DG  A 1 9  ? -2.383  -2.944  -8.514  1.00 17.23 ? 9  DG  A "C2'" 1 
ATOM   176 C "C1'" . DG  A 1 9  ? -1.089  -3.747  -8.526  1.00 16.32 ? 9  DG  A "C1'" 1 
ATOM   177 N N9    . DG  A 1 9  ? -0.205  -3.484  -7.382  1.00 16.57 ? 9  DG  A N9    1 
ATOM   178 C C8    . DG  A 1 9  ? 0.338   -4.444  -6.564  1.00 15.09 ? 9  DG  A C8    1 
ATOM   179 N N7    . DG  A 1 9  ? 1.087   -3.965  -5.616  1.00 15.54 ? 9  DG  A N7    1 
ATOM   180 C C5    . DG  A 1 9  ? 1.028   -2.593  -5.821  1.00 14.56 ? 9  DG  A C5    1 
ATOM   181 C C6    . DG  A 1 9  ? 1.648   -1.557  -5.096  1.00 14.35 ? 9  DG  A C6    1 
ATOM   182 O O6    . DG  A 1 9  ? 2.386   -1.667  -4.102  1.00 14.64 ? 9  DG  A O6    1 
ATOM   183 N N1    . DG  A 1 9  ? 1.363   -0.294  -5.612  1.00 13.73 ? 9  DG  A N1    1 
ATOM   184 C C2    . DG  A 1 9  ? 0.568   -0.050  -6.709  1.00 14.57 ? 9  DG  A C2    1 
ATOM   185 N N2    . DG  A 1 9  ? 0.412   1.239   -7.060  1.00 13.98 ? 9  DG  A N2    1 
ATOM   186 N N3    . DG  A 1 9  ? -0.032  -1.014  -7.393  1.00 15.84 ? 9  DG  A N3    1 
ATOM   187 C C4    . DG  A 1 9  ? 0.240   -2.265  -6.896  1.00 15.64 ? 9  DG  A C4    1 
ATOM   188 P P     . DG  A 1 10 ? -4.639  -4.840  -9.826  1.00 20.00 ? 10 DG  A P     1 
ATOM   189 O OP1   . DG  A 1 10 ? -5.043  -5.928  -10.752 1.00 19.65 ? 10 DG  A OP1   1 
ATOM   190 O OP2   . DG  A 1 10 ? -5.561  -3.706  -9.598  1.00 21.03 ? 10 DG  A OP2   1 
ATOM   191 O "O5'" . DG  A 1 10 ? -4.280  -5.437  -8.384  1.00 21.23 ? 10 DG  A "O5'" 1 
ATOM   192 C "C5'" . DG  A 1 10 ? -3.729  -6.724  -8.241  1.00 20.77 ? 10 DG  A "C5'" 1 
ATOM   193 C "C4'" . DG  A 1 10 ? -3.338  -6.960  -6.797  1.00 20.22 ? 10 DG  A "C4'" 1 
ATOM   194 O "O4'" . DG  A 1 10 ? -2.545  -5.862  -6.272  1.00 19.32 ? 10 DG  A "O4'" 1 
ATOM   195 C "C3'" . DG  A 1 10 ? -4.497  -7.146  -5.821  1.00 21.40 ? 10 DG  A "C3'" 1 
ATOM   196 O "O3'" . DG  A 1 10 ? -4.160  -8.336  -5.145  1.00 24.68 ? 10 DG  A "O3'" 1 
ATOM   197 C "C2'" . DG  A 1 10 ? -4.415  -5.922  -4.905  1.00 20.25 ? 10 DG  A "C2'" 1 
ATOM   198 C "C1'" . DG  A 1 10 ? -2.908  -5.709  -4.909  1.00 18.49 ? 10 DG  A "C1'" 1 
ATOM   199 N N9    . DG  A 1 10 ? -2.412  -4.422  -4.429  1.00 16.99 ? 10 DG  A N9    1 
ATOM   200 C C8    . DG  A 1 10 ? -2.753  -3.160  -4.873  1.00 16.40 ? 10 DG  A C8    1 
ATOM   201 N N7    . DG  A 1 10 ? -2.129  -2.199  -4.250  1.00 15.38 ? 10 DG  A N7    1 
ATOM   202 C C5    . DG  A 1 10 ? -1.315  -2.865  -3.336  1.00 15.76 ? 10 DG  A C5    1 
ATOM   203 C C6    . DG  A 1 10 ? -0.389  -2.368  -2.378  1.00 15.80 ? 10 DG  A C6    1 
ATOM   204 O O6    . DG  A 1 10 ? -0.105  -1.191  -2.144  1.00 18.39 ? 10 DG  A O6    1 
ATOM   205 N N1    . DG  A 1 10 ? 0.239   -3.369  -1.630  1.00 15.11 ? 10 DG  A N1    1 
ATOM   206 C C2    . DG  A 1 10 ? -0.003  -4.715  -1.801  1.00 14.84 ? 10 DG  A C2    1 
ATOM   207 N N2    . DG  A 1 10 ? 0.679   -5.561  -1.015  1.00 15.02 ? 10 DG  A N2    1 
ATOM   208 N N3    . DG  A 1 10 ? -0.849  -5.199  -2.704  1.00 15.40 ? 10 DG  A N3    1 
ATOM   209 C C4    . DG  A 1 10 ? -1.470  -4.233  -3.437  1.00 16.53 ? 10 DG  A C4    1 
ATOM   210 P P     . DG  A 1 11 ? -5.060  -9.050  -4.038  1.00 27.18 ? 11 DG  A P     1 
ATOM   211 O OP1   . DG  A 1 11 ? -5.528  -10.333 -4.618  1.00 29.65 ? 11 DG  A OP1   1 
ATOM   212 O OP2   . DG  A 1 11 ? -6.063  -8.123  -3.458  1.00 27.70 ? 11 DG  A OP2   1 
ATOM   213 O "O5'" . DG  A 1 11 ? -3.939  -9.308  -2.941  1.00 26.20 ? 11 DG  A "O5'" 1 
ATOM   214 C "C5'" . DG  A 1 11 ? -3.595  -8.289  -1.997  1.00 22.15 ? 11 DG  A "C5'" 1 
ATOM   215 C "C4'" . DG  A 1 11 ? -3.306  -9.017  -0.700  1.00 19.58 ? 11 DG  A "C4'" 1 
ATOM   216 O "O4'" . DG  A 1 11 ? -2.276  -8.362  0.077   1.00 17.86 ? 11 DG  A "O4'" 1 
ATOM   217 C "C3'" . DG  A 1 11 ? -4.508  -9.176  0.211   1.00 18.91 ? 11 DG  A "C3'" 1 
ATOM   218 O "O3'" . DG  A 1 11 ? -4.351  -10.457 0.762   1.00 19.54 ? 11 DG  A "O3'" 1 
ATOM   219 C "C2'" . DG  A 1 11 ? -4.304  -8.064  1.226   1.00 16.77 ? 11 DG  A "C2'" 1 
ATOM   220 C "C1'" . DG  A 1 11 ? -2.785  -8.005  1.344   1.00 13.72 ? 11 DG  A "C1'" 1 
ATOM   221 N N9    . DG  A 1 11 ? -2.210  -6.696  1.641   1.00 12.79 ? 11 DG  A N9    1 
ATOM   222 C C8    . DG  A 1 11 ? -1.227  -6.435  2.576   1.00 12.38 ? 11 DG  A C8    1 
ATOM   223 N N7    . DG  A 1 11 ? -0.874  -5.186  2.631   1.00 12.43 ? 11 DG  A N7    1 
ATOM   224 C C5    . DG  A 1 11 ? -1.669  -4.585  1.662   1.00 11.76 ? 11 DG  A C5    1 
ATOM   225 C C6    . DG  A 1 11 ? -1.732  -3.240  1.246   1.00 11.23 ? 11 DG  A C6    1 
ATOM   226 O O6    . DG  A 1 11 ? -1.082  -2.304  1.697   1.00 9.85  ? 11 DG  A O6    1 
ATOM   227 N N1    . DG  A 1 11 ? -2.657  -3.001  0.225   1.00 11.20 ? 11 DG  A N1    1 
ATOM   228 C C2    . DG  A 1 11 ? -3.447  -3.982  -0.345  1.00 11.29 ? 11 DG  A C2    1 
ATOM   229 N N2    . DG  A 1 11 ? -4.291  -3.604  -1.321  1.00 12.87 ? 11 DG  A N2    1 
ATOM   230 N N3    . DG  A 1 11 ? -3.398  -5.249  0.028   1.00 11.11 ? 11 DG  A N3    1 
ATOM   231 C C4    . DG  A 1 11 ? -2.497  -5.489  1.031   1.00 11.99 ? 11 DG  A C4    1 
ATOM   232 P P     . DG  A 1 12 ? -5.384  -11.143 1.759   1.00 21.37 ? 12 DG  A P     1 
ATOM   233 O OP1   . DG  A 1 12 ? -5.105  -12.591 1.651   1.00 22.32 ? 12 DG  A OP1   1 
ATOM   234 O OP2   . DG  A 1 12 ? -6.717  -10.572 1.465   1.00 21.94 ? 12 DG  A OP2   1 
ATOM   235 O "O5'" . DG  A 1 12 ? -4.989  -10.675 3.230   1.00 20.31 ? 12 DG  A "O5'" 1 
ATOM   236 C "C5'" . DG  A 1 12 ? -3.727  -10.950 3.827   1.00 18.29 ? 12 DG  A "C5'" 1 
ATOM   237 C "C4'" . DG  A 1 12 ? -3.605  -10.109 5.081   1.00 16.79 ? 12 DG  A "C4'" 1 
ATOM   238 O "O4'" . DG  A 1 12 ? -3.401  -8.713  4.730   1.00 15.46 ? 12 DG  A "O4'" 1 
ATOM   239 C "C3'" . DG  A 1 12 ? -4.831  -10.122 5.996   1.00 16.04 ? 12 DG  A "C3'" 1 
ATOM   240 O "O3'" . DG  A 1 12 ? -4.359  -10.284 7.327   1.00 16.25 ? 12 DG  A "O3'" 1 
ATOM   241 C "C2'" . DG  A 1 12 ? -5.465  -8.737  5.820   1.00 16.07 ? 12 DG  A "C2'" 1 
ATOM   242 C "C1'" . DG  A 1 12 ? -4.205  -7.903  5.569   1.00 15.91 ? 12 DG  A "C1'" 1 
ATOM   243 N N9    . DG  A 1 12 ? -4.373  -6.614  4.886   1.00 15.25 ? 12 DG  A N9    1 
ATOM   244 C C8    . DG  A 1 12 ? -5.213  -6.330  3.828   1.00 15.25 ? 12 DG  A C8    1 
ATOM   245 N N7    . DG  A 1 12 ? -5.147  -5.098  3.411   1.00 14.40 ? 12 DG  A N7    1 
ATOM   246 C C5    . DG  A 1 12 ? -4.194  -4.529  4.247   1.00 14.83 ? 12 DG  A C5    1 
ATOM   247 C C6    . DG  A 1 12 ? -3.692  -3.212  4.281   1.00 15.13 ? 12 DG  A C6    1 
ATOM   248 O O6    . DG  A 1 12 ? -4.012  -2.268  3.548   1.00 16.99 ? 12 DG  A O6    1 
ATOM   249 N N1    . DG  A 1 12 ? -2.746  -3.007  5.284   1.00 13.43 ? 12 DG  A N1    1 
ATOM   250 C C2    . DG  A 1 12 ? -2.320  -3.979  6.162   1.00 13.78 ? 12 DG  A C2    1 
ATOM   251 N N2    . DG  A 1 12 ? -1.404  -3.611  7.074   1.00 13.24 ? 12 DG  A N2    1 
ATOM   252 N N3    . DG  A 1 12 ? -2.778  -5.222  6.142   1.00 13.92 ? 12 DG  A N3    1 
ATOM   253 C C4    . DG  A 1 12 ? -3.704  -5.435  5.163   1.00 14.32 ? 12 DG  A C4    1 
ATOM   254 O "O5'" . DG  B 1 1  ? 3.569   -8.842  -2.435  1.00 18.94 ? 13 DG  B "O5'" 1 
ATOM   255 C "C5'" . DG  B 1 1  ? 4.649   -9.803  -2.420  1.00 17.96 ? 13 DG  B "C5'" 1 
ATOM   256 C "C4'" . DG  B 1 1  ? 5.474   -9.677  -1.143  1.00 16.93 ? 13 DG  B "C4'" 1 
ATOM   257 O "O4'" . DG  B 1 1  ? 6.158   -8.393  -1.126  1.00 18.19 ? 13 DG  B "O4'" 1 
ATOM   258 C "C3'" . DG  B 1 1  ? 4.673   -9.717  0.154   1.00 16.28 ? 13 DG  B "C3'" 1 
ATOM   259 O "O3'" . DG  B 1 1  ? 5.433   -10.343 1.182   1.00 16.13 ? 13 DG  B "O3'" 1 
ATOM   260 C "C2'" . DG  B 1 1  ? 4.444   -8.238  0.439   1.00 15.46 ? 13 DG  B "C2'" 1 
ATOM   261 C "C1'" . DG  B 1 1  ? 5.798   -7.674  0.037   1.00 15.86 ? 13 DG  B "C1'" 1 
ATOM   262 N N9    . DG  B 1 1  ? 5.733   -6.226  -0.158  1.00 16.26 ? 13 DG  B N9    1 
ATOM   263 C C8    . DG  B 1 1  ? 6.404   -5.287  0.581   1.00 16.89 ? 13 DG  B C8    1 
ATOM   264 N N7    . DG  B 1 1  ? 6.156   -4.056  0.223   1.00 16.65 ? 13 DG  B N7    1 
ATOM   265 C C5    . DG  B 1 1  ? 5.244   -4.188  -0.822  1.00 16.28 ? 13 DG  B C5    1 
ATOM   266 C C6    . DG  B 1 1  ? 4.602   -3.200  -1.609  1.00 15.51 ? 13 DG  B C6    1 
ATOM   267 O O6    . DG  B 1 1  ? 4.707   -1.967  -1.537  1.00 15.60 ? 13 DG  B O6    1 
ATOM   268 N N1    . DG  B 1 1  ? 3.750   -3.754  -2.564  1.00 15.79 ? 13 DG  B N1    1 
ATOM   269 C C2    . DG  B 1 1  ? 3.528   -5.099  -2.738  1.00 16.24 ? 13 DG  B C2    1 
ATOM   270 N N2    . DG  B 1 1  ? 2.678   -5.451  -3.711  1.00 17.01 ? 13 DG  B N2    1 
ATOM   271 N N3    . DG  B 1 1  ? 4.118   -6.034  -2.011  1.00 17.04 ? 13 DG  B N3    1 
ATOM   272 C C4    . DG  B 1 1  ? 4.964   -5.515  -1.068  1.00 16.36 ? 13 DG  B C4    1 
ATOM   273 P P     . DG  B 1 2  ? 4.832   -10.646 2.633   1.00 16.31 ? 14 DG  B P     1 
ATOM   274 O OP1   . DG  B 1 2  ? 5.745   -11.637 3.250   1.00 15.93 ? 14 DG  B OP1   1 
ATOM   275 O OP2   . DG  B 1 2  ? 3.383   -10.901 2.475   1.00 16.78 ? 14 DG  B OP2   1 
ATOM   276 O "O5'" . DG  B 1 2  ? 4.970   -9.307  3.483   1.00 15.85 ? 14 DG  B "O5'" 1 
ATOM   277 C "C5'" . DG  B 1 2  ? 6.239   -8.756  3.771   1.00 16.29 ? 14 DG  B "C5'" 1 
ATOM   278 C "C4'" . DG  B 1 2  ? 6.065   -7.415  4.465   1.00 16.27 ? 14 DG  B "C4'" 1 
ATOM   279 O "O4'" . DG  B 1 2  ? 5.643   -6.411  3.502   1.00 15.24 ? 14 DG  B "O4'" 1 
ATOM   280 C "C3'" . DG  B 1 2  ? 5.010   -7.375  5.563   1.00 16.05 ? 14 DG  B "C3'" 1 
ATOM   281 O "O3'" . DG  B 1 2  ? 5.529   -6.629  6.651   1.00 15.90 ? 14 DG  B "O3'" 1 
ATOM   282 C "C2'" . DG  B 1 2  ? 3.844   -6.641  4.885   1.00 15.13 ? 14 DG  B "C2'" 1 
ATOM   283 C "C1'" . DG  B 1 2  ? 4.638   -5.614  4.100   1.00 13.67 ? 14 DG  B "C1'" 1 
ATOM   284 N N9    . DG  B 1 2  ? 3.867   -4.931  3.068   1.00 13.81 ? 14 DG  B N9    1 
ATOM   285 C C8    . DG  B 1 2  ? 2.995   -5.510  2.168   1.00 13.44 ? 14 DG  B C8    1 
ATOM   286 N N7    . DG  B 1 2  ? 2.438   -4.653  1.359   1.00 13.81 ? 14 DG  B N7    1 
ATOM   287 C C5    . DG  B 1 2  ? 2.982   -3.440  1.740   1.00 12.09 ? 14 DG  B C5    1 
ATOM   288 C C6    . DG  B 1 2  ? 2.754   -2.151  1.223   1.00 12.09 ? 14 DG  B C6    1 
ATOM   289 O O6    . DG  B 1 2  ? 2.003   -1.875  0.284   1.00 13.24 ? 14 DG  B O6    1 
ATOM   290 N N1    . DG  B 1 2  ? 3.487   -1.135  1.879   1.00 10.33 ? 14 DG  B N1    1 
ATOM   291 C C2    . DG  B 1 2  ? 4.354   -1.389  2.928   1.00 12.37 ? 14 DG  B C2    1 
ATOM   292 N N2    . DG  B 1 2  ? 4.999   -0.353  3.479   1.00 11.25 ? 14 DG  B N2    1 
ATOM   293 N N3    . DG  B 1 2  ? 4.571   -2.611  3.420   1.00 13.10 ? 14 DG  B N3    1 
ATOM   294 C C4    . DG  B 1 2  ? 3.862   -3.585  2.784   1.00 12.84 ? 14 DG  B C4    1 
ATOM   295 P P     . DG  B 1 3  ? 4.809   -6.581  8.072   1.00 17.75 ? 15 DG  B P     1 
ATOM   296 O OP1   . DG  B 1 3  ? 5.667   -7.369  8.971   1.00 18.31 ? 15 DG  B OP1   1 
ATOM   297 O OP2   . DG  B 1 3  ? 3.361   -6.863  7.934   1.00 15.56 ? 15 DG  B OP2   1 
ATOM   298 O "O5'" . DG  B 1 3  ? 5.015   -5.071  8.531   1.00 17.72 ? 15 DG  B "O5'" 1 
ATOM   299 C "C5'" . DG  B 1 3  ? 4.610   -3.983  7.692   1.00 17.41 ? 15 DG  B "C5'" 1 
ATOM   300 C "C4'" . DG  B 1 3  ? 4.671   -2.723  8.527   1.00 16.24 ? 15 DG  B "C4'" 1 
ATOM   301 O "O4'" . DG  B 1 3  ? 4.392   -1.576  7.699   1.00 16.38 ? 15 DG  B "O4'" 1 
ATOM   302 C "C3'" . DG  B 1 3  ? 3.685   -2.634  9.686   1.00 15.47 ? 15 DG  B "C3'" 1 
ATOM   303 O "O3'" . DG  B 1 3  ? 4.348   -1.904  10.732  1.00 14.85 ? 15 DG  B "O3'" 1 
ATOM   304 C "C2'" . DG  B 1 3  ? 2.539   -1.857  9.051   1.00 14.63 ? 15 DG  B "C2'" 1 
ATOM   305 C "C1'" . DG  B 1 3  ? 3.326   -0.831  8.237   1.00 15.04 ? 15 DG  B "C1'" 1 
ATOM   306 N N9    . DG  B 1 3  ? 2.650   -0.254  7.077   1.00 14.56 ? 15 DG  B N9    1 
ATOM   307 C C8    . DG  B 1 3  ? 2.582   1.072   6.715   1.00 13.35 ? 15 DG  B C8    1 
ATOM   308 N N7    . DG  B 1 3  ? 1.922   1.281   5.606   1.00 14.08 ? 15 DG  B N7    1 
ATOM   309 C C5    . DG  B 1 3  ? 1.544   0.015   5.210   1.00 12.91 ? 15 DG  B C5    1 
ATOM   310 C C6    . DG  B 1 3  ? 0.808   -0.415  4.097   1.00 13.09 ? 15 DG  B C6    1 
ATOM   311 O O6    . DG  B 1 3  ? 0.331   0.296   3.206   1.00 13.85 ? 15 DG  B O6    1 
ATOM   312 N N1    . DG  B 1 3  ? 0.626   -1.806  4.049   1.00 11.32 ? 15 DG  B N1    1 
ATOM   313 C C2    . DG  B 1 3  ? 1.105   -2.688  4.986   1.00 10.42 ? 15 DG  B C2    1 
ATOM   314 N N2    . DG  B 1 3  ? 0.861   -3.991  4.819   1.00 12.59 ? 15 DG  B N2    1 
ATOM   315 N N3    . DG  B 1 3  ? 1.794   -2.291  6.026   1.00 13.41 ? 15 DG  B N3    1 
ATOM   316 C C4    . DG  B 1 3  ? 1.980   -0.943  6.089   1.00 14.00 ? 15 DG  B C4    1 
ATOM   317 P P     . DG  B 1 4  ? 3.803   -1.815  12.222  1.00 14.29 ? 16 DG  B P     1 
ATOM   318 O OP1   . DG  B 1 4  ? 4.954   -1.590  13.115  1.00 15.21 ? 16 DG  B OP1   1 
ATOM   319 O OP2   . DG  B 1 4  ? 2.878   -2.935  12.462  1.00 13.17 ? 16 DG  B OP2   1 
ATOM   320 O "O5'" . DG  B 1 4  ? 2.922   -0.497  12.177  1.00 15.44 ? 16 DG  B "O5'" 1 
ATOM   321 C "C5'" . DG  B 1 4  ? 3.483   0.820   12.078  1.00 14.97 ? 16 DG  B "C5'" 1 
ATOM   322 C "C4'" . DG  B 1 4  ? 2.353   1.765   11.708  1.00 13.91 ? 16 DG  B "C4'" 1 
ATOM   323 O "O4'" . DG  B 1 4  ? 1.869   1.376   10.406  1.00 14.44 ? 16 DG  B "O4'" 1 
ATOM   324 C "C3'" . DG  B 1 4  ? 1.124   1.741   12.638  1.00 15.44 ? 16 DG  B "C3'" 1 
ATOM   325 O "O3'" . DG  B 1 4  ? 0.737   3.112   12.933  1.00 17.35 ? 16 DG  B "O3'" 1 
ATOM   326 C "C2'" . DG  B 1 4  ? 0.089   0.955   11.829  1.00 13.85 ? 16 DG  B "C2'" 1 
ATOM   327 C "C1'" . DG  B 1 4  ? 0.467   1.459   10.436  1.00 13.45 ? 16 DG  B "C1'" 1 
ATOM   328 N N9    . DG  B 1 4  ? -0.164  0.765   9.298   1.00 12.94 ? 16 DG  B N9    1 
ATOM   329 C C8    . DG  B 1 4  ? -0.440  -0.582  9.149   1.00 11.52 ? 16 DG  B C8    1 
ATOM   330 N N7    . DG  B 1 4  ? -1.025  -0.878  8.032   1.00 11.53 ? 16 DG  B N7    1 
ATOM   331 C C5    . DG  B 1 4  ? -1.159  0.350   7.393   1.00 12.20 ? 16 DG  B C5    1 
ATOM   332 C C6    . DG  B 1 4  ? -1.726  0.679   6.137   1.00 12.81 ? 16 DG  B C6    1 
ATOM   333 O O6    . DG  B 1 4  ? -2.238  -0.099  5.308   1.00 13.43 ? 16 DG  B O6    1 
ATOM   334 N N1    . DG  B 1 4  ? -1.683  2.057   5.852   1.00 12.24 ? 16 DG  B N1    1 
ATOM   335 C C2    . DG  B 1 4  ? -1.121  2.997   6.697   1.00 11.66 ? 16 DG  B C2    1 
ATOM   336 N N2    . DG  B 1 4  ? -1.132  4.269   6.285   1.00 10.83 ? 16 DG  B N2    1 
ATOM   337 N N3    . DG  B 1 4  ? -0.589  2.697   7.877   1.00 11.36 ? 16 DG  B N3    1 
ATOM   338 C C4    . DG  B 1 4  ? -0.643  1.370   8.160   1.00 11.66 ? 16 DG  B C4    1 
ATOM   339 P P     . DT  B 1 5  ? -0.438  3.580   13.924  1.00 17.51 ? 17 DT  B P     1 
ATOM   340 O OP1   . DT  B 1 5  ? -0.076  4.939   14.341  1.00 18.07 ? 17 DT  B OP1   1 
ATOM   341 O OP2   . DT  B 1 5  ? -0.753  2.553   14.927  1.00 19.54 ? 17 DT  B OP2   1 
ATOM   342 O "O5'" . DT  B 1 5  ? -1.728  3.614   12.986  1.00 18.11 ? 17 DT  B "O5'" 1 
ATOM   343 C "C5'" . DT  B 1 5  ? -1.806  4.497   11.894  1.00 17.51 ? 17 DT  B "C5'" 1 
ATOM   344 C "C4'" . DT  B 1 5  ? -2.905  4.028   10.960  1.00 16.55 ? 17 DT  B "C4'" 1 
ATOM   345 O "O4'" . DT  B 1 5  ? -2.648  2.670   10.583  1.00 16.28 ? 17 DT  B "O4'" 1 
ATOM   346 C "C3'" . DT  B 1 5  ? -4.308  3.911   11.548  1.00 16.78 ? 17 DT  B "C3'" 1 
ATOM   347 O "O3'" . DT  B 1 5  ? -4.937  5.192   11.569  1.00 17.54 ? 17 DT  B "O3'" 1 
ATOM   348 C "C2'" . DT  B 1 5  ? -4.981  2.943   10.571  1.00 16.19 ? 17 DT  B "C2'" 1 
ATOM   349 C "C1'" . DT  B 1 5  ? -3.799  2.299   9.851   1.00 16.15 ? 17 DT  B "C1'" 1 
ATOM   350 N N1    . DT  B 1 5  ? -3.923  0.809   9.701   1.00 15.65 ? 17 DT  B N1    1 
ATOM   351 C C2    . DT  B 1 5  ? -4.387  0.325   8.499   1.00 15.56 ? 17 DT  B C2    1 
ATOM   352 O O2    . DT  B 1 5  ? -4.687  1.040   7.546   1.00 14.23 ? 17 DT  B O2    1 
ATOM   353 N N3    . DT  B 1 5  ? -4.477  -1.048  8.433   1.00 15.72 ? 17 DT  B N3    1 
ATOM   354 C C4    . DT  B 1 5  ? -4.177  -1.964  9.426   1.00 15.93 ? 17 DT  B C4    1 
ATOM   355 O O4    . DT  B 1 5  ? -4.315  -3.172  9.236   1.00 15.66 ? 17 DT  B O4    1 
ATOM   356 C C5    . DT  B 1 5  ? -3.698  -1.387  10.670  1.00 16.17 ? 17 DT  B C5    1 
ATOM   357 C C7    . DT  B 1 5  ? -3.330  -2.262  11.842  1.00 16.26 ? 17 DT  B C7    1 
ATOM   358 C C6    . DT  B 1 5  ? -3.598  -0.046  10.748  1.00 16.58 ? 17 DT  B C6    1 
ATOM   359 P P     . DT  B 1 6  ? -6.415  5.448   12.150  1.00 17.88 ? 18 DT  B P     1 
ATOM   360 O OP1   . DT  B 1 6  ? -6.565  6.904   12.337  1.00 18.30 ? 18 DT  B OP1   1 
ATOM   361 O OP2   . DT  B 1 6  ? -6.599  4.555   13.320  1.00 18.93 ? 18 DT  B OP2   1 
ATOM   362 O "O5'" . DT  B 1 6  ? -7.372  4.990   10.953  1.00 17.61 ? 18 DT  B "O5'" 1 
ATOM   363 C "C5'" . DT  B 1 6  ? -7.307  5.686   9.703   1.00 18.02 ? 18 DT  B "C5'" 1 
ATOM   364 C "C4'" . DT  B 1 6  ? -8.179  5.021   8.647   1.00 17.98 ? 18 DT  B "C4'" 1 
ATOM   365 O "O4'" . DT  B 1 6  ? -7.779  3.644   8.401   1.00 18.58 ? 18 DT  B "O4'" 1 
ATOM   366 C "C3'" . DT  B 1 6  ? -9.669  4.982   8.984   1.00 18.19 ? 18 DT  B "C3'" 1 
ATOM   367 O "O3'" . DT  B 1 6  ? -10.445 5.156   7.796   1.00 18.59 ? 18 DT  B "O3'" 1 
ATOM   368 C "C2'" . DT  B 1 6  ? -9.833  3.572   9.546   1.00 18.38 ? 18 DT  B "C2'" 1 
ATOM   369 C "C1'" . DT  B 1 6  ? -8.898  2.804   8.610   1.00 18.54 ? 18 DT  B "C1'" 1 
ATOM   370 N N1    . DT  B 1 6  ? -8.466  1.469   9.128   1.00 18.97 ? 18 DT  B N1    1 
ATOM   371 C C2    . DT  B 1 6  ? -8.496  0.400   8.262   1.00 17.93 ? 18 DT  B C2    1 
ATOM   372 O O2    . DT  B 1 6  ? -8.840  0.507   7.105   1.00 19.08 ? 18 DT  B O2    1 
ATOM   373 N N3    . DT  B 1 6  ? -8.093  -0.795  8.803   1.00 18.28 ? 18 DT  B N3    1 
ATOM   374 C C4    . DT  B 1 6  ? -7.690  -1.026  10.104  1.00 19.16 ? 18 DT  B C4    1 
ATOM   375 O O4    . DT  B 1 6  ? -7.355  -2.139  10.487  1.00 20.07 ? 18 DT  B O4    1 
ATOM   376 C C5    . DT  B 1 6  ? -7.687  0.127   10.974  1.00 19.10 ? 18 DT  B C5    1 
ATOM   377 C C7    . DT  B 1 6  ? -7.257  -0.003  12.410  1.00 20.06 ? 18 DT  B C7    1 
ATOM   378 C C6    . DT  B 1 6  ? -8.078  1.303   10.454  1.00 19.08 ? 18 DT  B C6    1 
ATOM   379 P P     . DT  B 1 7  ? -10.581 6.542   6.992   1.00 16.73 ? 19 DT  B P     1 
ATOM   380 O OP1   . DT  B 1 7  ? -9.764  7.617   7.571   1.00 18.78 ? 19 DT  B OP1   1 
ATOM   381 O OP2   . DT  B 1 7  ? -12.037 6.711   6.791   1.00 18.17 ? 19 DT  B OP2   1 
ATOM   382 O "O5'" . DT  B 1 7  ? -9.891  6.180   5.609   1.00 18.52 ? 19 DT  B "O5'" 1 
ATOM   383 C "C5'" . DT  B 1 7  ? -10.360 6.627   4.346   1.00 18.39 ? 19 DT  B "C5'" 1 
ATOM   384 C "C4'" . DT  B 1 7  ? -9.868  5.629   3.317   1.00 17.82 ? 19 DT  B "C4'" 1 
ATOM   385 O "O4'" . DT  B 1 7  ? -8.427  5.499   3.431   1.00 17.12 ? 19 DT  B "O4'" 1 
ATOM   386 C "C3'" . DT  B 1 7  ? -10.397 4.205   3.486   1.00 18.67 ? 19 DT  B "C3'" 1 
ATOM   387 O "O3'" . DT  B 1 7  ? -10.413 3.597   2.208   1.00 18.40 ? 19 DT  B "O3'" 1 
ATOM   388 C "C2'" . DT  B 1 7  ? -9.368  3.533   4.408   1.00 16.48 ? 19 DT  B "C2'" 1 
ATOM   389 C "C1'" . DT  B 1 7  ? -8.084  4.203   3.910   1.00 16.76 ? 19 DT  B "C1'" 1 
ATOM   390 N N1    . DT  B 1 7  ? -7.006  4.362   4.929   1.00 15.30 ? 19 DT  B N1    1 
ATOM   391 C C2    . DT  B 1 7  ? -6.383  3.235   5.422   1.00 15.19 ? 19 DT  B C2    1 
ATOM   392 O O2    . DT  B 1 7  ? -6.683  2.103   5.067   1.00 15.54 ? 19 DT  B O2    1 
ATOM   393 N N3    . DT  B 1 7  ? -5.386  3.476   6.340   1.00 14.71 ? 19 DT  B N3    1 
ATOM   394 C C4    . DT  B 1 7  ? -4.976  4.715   6.797   1.00 15.40 ? 19 DT  B C4    1 
ATOM   395 O O4    . DT  B 1 7  ? -4.084  4.811   7.626   1.00 15.38 ? 19 DT  B O4    1 
ATOM   396 C C5    . DT  B 1 7  ? -5.681  5.857   6.245   1.00 14.70 ? 19 DT  B C5    1 
ATOM   397 C C7    . DT  B 1 7  ? -5.360  7.266   6.641   1.00 15.76 ? 19 DT  B C7    1 
ATOM   398 C C6    . DT  B 1 7  ? -6.640  5.626   5.350   1.00 15.38 ? 19 DT  B C6    1 
ATOM   399 P P     . DT  B 1 8  ? -11.628 2.688   1.755   1.00 20.05 ? 20 DT  B P     1 
ATOM   400 O OP1   . DT  B 1 8  ? -11.678 2.740   0.278   1.00 20.34 ? 20 DT  B OP1   1 
ATOM   401 O OP2   . DT  B 1 8  ? -12.807 3.034   2.580   1.00 20.36 ? 20 DT  B OP2   1 
ATOM   402 O "O5'" . DT  B 1 8  ? -11.193 1.206   2.144   1.00 20.20 ? 20 DT  B "O5'" 1 
ATOM   403 C "C5'" . DT  B 1 8  ? -10.129 0.479   1.546   1.00 17.85 ? 20 DT  B "C5'" 1 
ATOM   404 C "C4'" . DT  B 1 8  ? -10.104 -0.917  2.155   1.00 16.48 ? 20 DT  B "C4'" 1 
ATOM   405 O "O4'" . DT  B 1 8  ? -9.942  -0.825  3.595   1.00 16.75 ? 20 DT  B "O4'" 1 
ATOM   406 C "C3'" . DT  B 1 8  ? -11.358 -1.764  1.926   1.00 16.23 ? 20 DT  B "C3'" 1 
ATOM   407 O "O3'" . DT  B 1 8  ? -10.973 -3.110  1.695   1.00 18.17 ? 20 DT  B "O3'" 1 
ATOM   408 C "C2'" . DT  B 1 8  ? -12.143 -1.635  3.227   1.00 16.13 ? 20 DT  B "C2'" 1 
ATOM   409 C "C1'" . DT  B 1 8  ? -11.037 -1.449  4.251   1.00 16.49 ? 20 DT  B "C1'" 1 
ATOM   410 N N1    . DT  B 1 8  ? -11.415 -0.637  5.479   1.00 17.15 ? 20 DT  B N1    1 
ATOM   411 C C2    . DT  B 1 8  ? -11.341 -1.270  6.708   1.00 16.66 ? 20 DT  B C2    1 
ATOM   412 O O2    . DT  B 1 8  ? -11.001 -2.430  6.833   1.00 15.53 ? 20 DT  B O2    1 
ATOM   413 N N3    . DT  B 1 8  ? -11.685 -0.489  7.785   1.00 17.00 ? 20 DT  B N3    1 
ATOM   414 C C4    . DT  B 1 8  ? -12.087 0.837   7.756   1.00 16.53 ? 20 DT  B C4    1 
ATOM   415 O O4    . DT  B 1 8  ? -12.362 1.445   8.790   1.00 16.17 ? 20 DT  B O4    1 
ATOM   416 C C5    . DT  B 1 8  ? -12.146 1.445   6.440   1.00 16.11 ? 20 DT  B C5    1 
ATOM   417 C C7    . DT  B 1 8  ? -12.567 2.879   6.276   1.00 14.79 ? 20 DT  B C7    1 
ATOM   418 C C6    . DT  B 1 8  ? -11.809 0.689   5.381   1.00 16.39 ? 20 DT  B C6    1 
ATOM   419 P P     . DG  B 1 9  ? -11.869 -4.186  0.918   1.00 19.45 ? 21 DG  B P     1 
ATOM   420 O OP1   . DG  B 1 9  ? -13.247 -4.094  1.450   1.00 20.34 ? 21 DG  B OP1   1 
ATOM   421 O OP2   . DG  B 1 9  ? -11.150 -5.475  0.947   1.00 19.59 ? 21 DG  B OP2   1 
ATOM   422 O "O5'" . DG  B 1 9  ? -11.854 -3.666  -0.583  1.00 19.05 ? 21 DG  B "O5'" 1 
ATOM   423 C "C5'" . DG  B 1 9  ? -10.678 -3.770  -1.354  1.00 18.36 ? 21 DG  B "C5'" 1 
ATOM   424 C "C4'" . DG  B 1 9  ? -10.767 -2.706  -2.423  1.00 19.07 ? 21 DG  B "C4'" 1 
ATOM   425 O "O4'" . DG  B 1 9  ? -10.379 -1.429  -1.853  1.00 17.57 ? 21 DG  B "O4'" 1 
ATOM   426 C "C3'" . DG  B 1 9  ? -9.883  -2.938  -3.640  1.00 20.46 ? 21 DG  B "C3'" 1 
ATOM   427 O "O3'" . DG  B 1 9  ? -10.545 -2.432  -4.817  1.00 21.25 ? 21 DG  B "O3'" 1 
ATOM   428 C "C2'" . DG  B 1 9  ? -8.633  -2.143  -3.274  1.00 17.86 ? 21 DG  B "C2'" 1 
ATOM   429 C "C1'" . DG  B 1 9  ? -9.231  -0.962  -2.519  1.00 16.24 ? 21 DG  B "C1'" 1 
ATOM   430 N N9    . DG  B 1 9  ? -8.318  -0.425  -1.522  1.00 16.84 ? 21 DG  B N9    1 
ATOM   431 C C8    . DG  B 1 9  ? -7.969  0.896   -1.413  1.00 15.62 ? 21 DG  B C8    1 
ATOM   432 N N7    . DG  B 1 9  ? -7.135  1.109   -0.449  1.00 14.97 ? 21 DG  B N7    1 
ATOM   433 C C5    . DG  B 1 9  ? -6.909  -0.154  0.109   1.00 15.01 ? 21 DG  B C5    1 
ATOM   434 C C6    . DG  B 1 9  ? -6.090  -0.554  1.191   1.00 13.66 ? 21 DG  B C6    1 
ATOM   435 O O6    . DG  B 1 9  ? -5.386  0.160   1.884   1.00 12.62 ? 21 DG  B O6    1 
ATOM   436 N N1    . DG  B 1 9  ? -6.120  -1.914  1.479   1.00 14.82 ? 21 DG  B N1    1 
ATOM   437 C C2    . DG  B 1 9  ? -6.878  -2.816  0.777   1.00 14.80 ? 21 DG  B C2    1 
ATOM   438 N N2    . DG  B 1 9  ? -6.809  -4.095  1.172   1.00 13.47 ? 21 DG  B N2    1 
ATOM   439 N N3    . DG  B 1 9  ? -7.651  -2.465  -0.243  1.00 15.31 ? 21 DG  B N3    1 
ATOM   440 C C4    . DG  B 1 9  ? -7.629  -1.119  -0.529  1.00 15.56 ? 21 DG  B C4    1 
ATOM   441 P P     . DG  B 1 10 ? -9.823  -2.402  -6.251  1.00 22.58 ? 22 DG  B P     1 
ATOM   442 O OP1   . DG  B 1 10 ? -10.912 -2.288  -7.252  1.00 23.57 ? 22 DG  B OP1   1 
ATOM   443 O OP2   . DG  B 1 10 ? -8.865  -3.520  -6.304  1.00 23.08 ? 22 DG  B OP2   1 
ATOM   444 O "O5'" . DG  B 1 10 ? -9.004  -1.031  -6.297  1.00 21.29 ? 22 DG  B "O5'" 1 
ATOM   445 C "C5'" . DG  B 1 10 ? -9.637  0.236   -6.089  1.00 18.88 ? 22 DG  B "C5'" 1 
ATOM   446 C "C4'" . DG  B 1 10 ? -8.597  1.317   -5.858  1.00 18.28 ? 22 DG  B "C4'" 1 
ATOM   447 O "O4'" . DG  B 1 10 ? -7.860  1.061   -4.632  1.00 17.35 ? 22 DG  B "O4'" 1 
ATOM   448 C "C3'" . DG  B 1 10 ? -7.539  1.495   -6.950  1.00 17.61 ? 22 DG  B "C3'" 1 
ATOM   449 O "O3'" . DG  B 1 10 ? -7.444  2.896   -7.193  1.00 17.45 ? 22 DG  B "O3'" 1 
ATOM   450 C "C2'" . DG  B 1 10 ? -6.273  0.923   -6.302  1.00 17.29 ? 22 DG  B "C2'" 1 
ATOM   451 C "C1'" . DG  B 1 10 ? -6.500  1.359   -4.864  1.00 16.83 ? 22 DG  B "C1'" 1 
ATOM   452 N N9    . DG  B 1 10 ? -5.685  0.701   -3.847  1.00 16.25 ? 22 DG  B N9    1 
ATOM   453 C C8    . DG  B 1 10 ? -5.556  -0.655  -3.634  1.00 16.19 ? 22 DG  B C8    1 
ATOM   454 N N7    . DG  B 1 10 ? -4.779  -0.959  -2.638  1.00 15.04 ? 22 DG  B N7    1 
ATOM   455 C C5    . DG  B 1 10 ? -4.363  0.278   -2.163  1.00 15.38 ? 22 DG  B C5    1 
ATOM   456 C C6    . DG  B 1 10 ? -3.499  0.595   -1.091  1.00 15.58 ? 22 DG  B C6    1 
ATOM   457 O O6    . DG  B 1 10 ? -2.907  -0.195  -0.340  1.00 17.10 ? 22 DG  B O6    1 
ATOM   458 N N1    . DG  B 1 10 ? -3.321  1.969   -0.904  1.00 14.68 ? 22 DG  B N1    1 
ATOM   459 C C2    . DG  B 1 10 ? -3.909  2.936   -1.673  1.00 15.35 ? 22 DG  B C2    1 
ATOM   460 N N2    . DG  B 1 10 ? -3.607  4.200   -1.349  1.00 15.85 ? 22 DG  B N2    1 
ATOM   461 N N3    . DG  B 1 10 ? -4.728  2.659   -2.688  1.00 15.78 ? 22 DG  B N3    1 
ATOM   462 C C4    . DG  B 1 10 ? -4.910  1.317   -2.883  1.00 16.01 ? 22 DG  B C4    1 
ATOM   463 P P     . DG  B 1 11 ? -6.546  3.582   -8.328  1.00 18.66 ? 23 DG  B P     1 
ATOM   464 O OP1   . DG  B 1 11 ? -6.979  5.000   -8.335  1.00 19.42 ? 23 DG  B OP1   1 
ATOM   465 O OP2   . DG  B 1 11 ? -6.624  2.784   -9.563  1.00 16.51 ? 23 DG  B OP2   1 
ATOM   466 O "O5'" . DG  B 1 11 ? -5.037  3.503   -7.798  1.00 17.81 ? 23 DG  B "O5'" 1 
ATOM   467 C "C5'" . DG  B 1 11 ? -4.654  4.006   -6.507  1.00 17.19 ? 23 DG  B "C5'" 1 
ATOM   468 C "C4'" . DG  B 1 11 ? -4.174  5.454   -6.488  1.00 16.53 ? 23 DG  B "C4'" 1 
ATOM   469 O "O4'" . DG  B 1 11 ? -3.559  5.745   -5.196  1.00 16.51 ? 23 DG  B "O4'" 1 
ATOM   470 C "C3'" . DG  B 1 11 ? -3.110  5.818   -7.518  1.00 16.20 ? 23 DG  B "C3'" 1 
ATOM   471 O "O3'" . DG  B 1 11 ? -3.180  7.225   -7.766  1.00 16.03 ? 23 DG  B "O3'" 1 
ATOM   472 C "C2'" . DG  B 1 11 ? -1.826  5.440   -6.793  1.00 14.80 ? 23 DG  B "C2'" 1 
ATOM   473 C "C1'" . DG  B 1 11 ? -2.160  5.913   -5.379  1.00 14.18 ? 23 DG  B "C1'" 1 
ATOM   474 N N9    . DG  B 1 11 ? -1.427  5.194   -4.344  1.00 14.25 ? 23 DG  B N9    1 
ATOM   475 C C8    . DG  B 1 11 ? -0.653  5.788   -3.369  1.00 12.54 ? 23 DG  B C8    1 
ATOM   476 N N7    . DG  B 1 11 ? -0.091  4.942   -2.561  1.00 11.44 ? 23 DG  B N7    1 
ATOM   477 C C5    . DG  B 1 11 ? -0.515  3.706   -3.027  1.00 12.59 ? 23 DG  B C5    1 
ATOM   478 C C6    . DG  B 1 11 ? -0.224  2.409   -2.545  1.00 11.76 ? 23 DG  B C6    1 
ATOM   479 O O6    . DG  B 1 11 ? 0.486   2.129   -1.582  1.00 13.78 ? 23 DG  B O6    1 
ATOM   480 N N1    . DG  B 1 11 ? -0.837  1.374   -3.264  1.00 12.11 ? 23 DG  B N1    1 
ATOM   481 C C2    . DG  B 1 11 ? -1.651  1.588   -4.359  1.00 12.00 ? 23 DG  B C2    1 
ATOM   482 N N2    . DG  B 1 11 ? -2.158  0.502   -4.947  1.00 11.40 ? 23 DG  B N2    1 
ATOM   483 N N3    . DG  B 1 11 ? -1.943  2.804   -4.831  1.00 12.74 ? 23 DG  B N3    1 
ATOM   484 C C4    . DG  B 1 11 ? -1.345  3.827   -4.129  1.00 13.10 ? 23 DG  B C4    1 
ATOM   485 P P     . DG  B 1 12 ? -2.269  7.950   -8.865  1.00 16.63 ? 24 DG  B P     1 
ATOM   486 O OP1   . DG  B 1 12 ? -2.940  9.242   -9.141  1.00 19.08 ? 24 DG  B OP1   1 
ATOM   487 O OP2   . DG  B 1 12 ? -1.949  6.972   -9.925  1.00 14.44 ? 24 DG  B OP2   1 
ATOM   488 O "O5'" . DG  B 1 12 ? -0.874  8.299   -8.171  1.00 15.88 ? 24 DG  B "O5'" 1 
ATOM   489 C "C5'" . DG  B 1 12 ? -0.766  9.106   -7.001  1.00 13.95 ? 24 DG  B "C5'" 1 
ATOM   490 C "C4'" . DG  B 1 12 ? 0.666   9.005   -6.530  1.00 12.17 ? 24 DG  B "C4'" 1 
ATOM   491 O "O4'" . DG  B 1 12 ? 0.838   7.753   -5.836  1.00 12.68 ? 24 DG  B "O4'" 1 
ATOM   492 C "C3'" . DG  B 1 12 ? 1.732   8.986   -7.623  1.00 12.37 ? 24 DG  B "C3'" 1 
ATOM   493 O "O3'" . DG  B 1 12 ? 2.781   9.860   -7.267  1.00 12.45 ? 24 DG  B "O3'" 1 
ATOM   494 C "C2'" . DG  B 1 12 ? 2.262   7.565   -7.627  1.00 12.01 ? 24 DG  B "C2'" 1 
ATOM   495 C "C1'" . DG  B 1 12 ? 2.109   7.234   -6.155  1.00 11.39 ? 24 DG  B "C1'" 1 
ATOM   496 N N9    . DG  B 1 12 ? 2.135   5.803   -5.854  1.00 10.51 ? 24 DG  B N9    1 
ATOM   497 C C8    . DG  B 1 12 ? 1.456   4.829   -6.537  1.00 9.13  ? 24 DG  B C8    1 
ATOM   498 N N7    . DG  B 1 12 ? 1.649   3.638   -6.066  1.00 8.40  ? 24 DG  B N7    1 
ATOM   499 C C5    . DG  B 1 12 ? 2.495   3.844   -4.988  1.00 8.08  ? 24 DG  B C5    1 
ATOM   500 C C6    . DG  B 1 12 ? 3.061   2.904   -4.092  1.00 10.25 ? 24 DG  B C6    1 
ATOM   501 O O6    . DG  B 1 12 ? 2.898   1.675   -4.083  1.00 11.60 ? 24 DG  B O6    1 
ATOM   502 N N1    . DG  B 1 12 ? 3.901   3.494   -3.142  1.00 8.52  ? 24 DG  B N1    1 
ATOM   503 C C2    . DG  B 1 12 ? 4.161   4.842   -3.076  1.00 7.96  ? 24 DG  B C2    1 
ATOM   504 N N2    . DG  B 1 12 ? 5.001   5.220   -2.106  1.00 10.41 ? 24 DG  B N2    1 
ATOM   505 N N3    . DG  B 1 12 ? 3.637   5.738   -3.904  1.00 7.16  ? 24 DG  B N3    1 
ATOM   506 C C4    . DG  B 1 12 ? 2.822   5.170   -4.842  1.00 8.17  ? 24 DG  B C4    1 
HETATM 507 K K     . K   C 2 .  ? -2.623  0.068   2.568   1.00 17.83 ? 26 K   A K     1 
HETATM 508 K K     . K   D 2 .  ? -0.062  0.138   0.335   1.00 18.55 ? 27 K   A K     1 
HETATM 509 K K     . K   E 2 .  ? 2.767   0.024   -1.966  1.00 17.54 ? 28 K   A K     1 
HETATM 510 C C75   . NCE F 3 .  ? 8.016   -8.722  -4.840  1.00 25.68 ? 29 NCE A C75   1 
HETATM 511 C C72   . NCE F 3 .  ? 9.421   -9.275  -5.134  1.00 28.18 ? 29 NCE A C72   1 
HETATM 512 O O32   . NCE F 3 .  ? 10.160  -9.214  -3.877  1.00 28.23 ? 29 NCE A O32   1 
HETATM 513 C C66   . NCE F 3 .  ? 10.364  -7.877  -3.341  1.00 27.97 ? 29 NCE A C66   1 
HETATM 514 C C63   . NCE F 3 .  ? 8.963   -7.315  -3.053  1.00 26.18 ? 29 NCE A C63   1 
HETATM 515 N N61   . NCE F 3 .  ? 8.133   -7.370  -4.269  1.00 24.68 ? 29 NCE A N61   1 
HETATM 516 C C58   . NCE F 3 .  ? 6.873   -6.680  -3.957  1.00 22.06 ? 29 NCE A C58   1 
HETATM 517 C C55   . NCE F 3 .  ? 5.847   -6.596  -5.083  1.00 19.82 ? 29 NCE A C55   1 
HETATM 518 C C54   . NCE F 3 .  ? 5.497   -5.136  -5.378  1.00 18.22 ? 29 NCE A C54   1 
HETATM 519 O O84   . NCE F 3 .  ? 5.909   -4.223  -4.657  1.00 17.49 ? 29 NCE A O84   1 
HETATM 520 N N52   . NCE F 3 .  ? 4.692   -4.980  -6.430  1.00 16.05 ? 29 NCE A N52   1 
HETATM 521 C C51   . NCE F 3 .  ? 4.211   -3.903  -7.058  1.00 15.77 ? 29 NCE A C51   1 
HETATM 522 C C85   . NCE F 3 .  ? 4.662   -2.632  -6.694  1.00 15.21 ? 29 NCE A C85   1 
HETATM 523 C C49   . NCE F 3 .  ? 3.318   -4.059  -8.138  1.00 15.78 ? 29 NCE A C49   1 
HETATM 524 C C47   . NCE F 3 .  ? 2.815   -2.969  -8.854  1.00 14.93 ? 29 NCE A C47   1 
HETATM 525 C C2    . NCE F 3 .  ? 3.263   -1.706  -8.479  1.00 15.51 ? 29 NCE A C2    1 
HETATM 526 C C45   . NCE F 3 .  ? 2.829   -0.567  -9.150  1.00 15.89 ? 29 NCE A C45   1 
HETATM 527 C C87   . NCE F 3 .  ? 4.172   -1.544  -7.411  1.00 16.17 ? 29 NCE A C87   1 
HETATM 528 N N1    . NCE F 3 .  ? 4.611   -0.333  -7.024  1.00 15.12 ? 29 NCE A N1    1 
HETATM 529 C C3    . NCE F 3 .  ? 4.197   0.778   -7.673  1.00 15.87 ? 29 NCE A C3    1 
HETATM 530 C C4    . NCE F 3 .  ? 4.697   2.014   -7.237  1.00 15.18 ? 29 NCE A C4    1 
HETATM 531 C C44   . NCE F 3 .  ? 3.296   0.692   -8.747  1.00 15.71 ? 29 NCE A C44   1 
HETATM 532 C C42   . NCE F 3 .  ? 2.883   1.863   -9.390  1.00 15.52 ? 29 NCE A C42   1 
HETATM 533 C C40   . NCE F 3 .  ? 3.397   3.074   -8.924  1.00 15.36 ? 29 NCE A C40   1 
HETATM 534 C C6    . NCE F 3 .  ? 4.298   3.195   -7.856  1.00 14.84 ? 29 NCE A C6    1 
HETATM 535 N N7    . NCE F 3 .  ? 4.762   4.411   -7.505  1.00 15.21 ? 29 NCE A N7    1 
HETATM 536 C C9    . NCE F 3 .  ? 5.611   4.845   -6.571  1.00 14.51 ? 29 NCE A C9    1 
HETATM 537 O O39   . NCE F 3 .  ? 6.130   4.101   -5.744  1.00 14.18 ? 29 NCE A O39   1 
HETATM 538 C C10   . NCE F 3 .  ? 5.943   6.327   -6.474  1.00 13.65 ? 29 NCE A C10   1 
HETATM 539 C C13   . NCE F 3 .  ? 6.880   6.696   -5.334  1.00 14.23 ? 29 NCE A C13   1 
HETATM 540 N N16   . NCE F 3 .  ? 7.144   8.146   -5.321  1.00 17.01 ? 29 NCE A N16   1 
HETATM 541 C C36   . NCE F 3 .  ? 6.017   9.068   -5.046  1.00 17.88 ? 29 NCE A C36   1 
HETATM 542 C C33   . NCE F 3 .  ? 6.499   10.516  -5.262  1.00 17.63 ? 29 NCE A C33   1 
HETATM 543 O O12   . NCE F 3 .  ? 7.619   10.797  -4.420  1.00 17.71 ? 29 NCE A O12   1 
HETATM 544 C C27   . NCE F 3 .  ? 8.713   9.876   -4.482  1.00 18.13 ? 29 NCE A C27   1 
HETATM 545 C C18   . NCE F 3 .  ? 8.279   8.402   -4.412  1.00 17.30 ? 29 NCE A C18   1 
HETATM 546 K K     . K   G 2 .  ? -5.143  0.046   4.874   1.00 18.35 ? 25 K   B K     1 
HETATM 547 O O     . HOH H 4 .  ? -2.462  8.456   -1.667  1.00 12.91 ? 31 HOH A O     1 
HETATM 548 O O     . HOH H 4 .  ? 1.114   7.448   5.170   1.00 16.43 ? 32 HOH A O     1 
HETATM 549 O O     . HOH H 4 .  ? 10.546  5.564   -5.156  1.00 20.83 ? 33 HOH A O     1 
HETATM 550 O O     . HOH H 4 .  ? -6.645  -5.179  -2.151  1.00 17.32 ? 35 HOH A O     1 
HETATM 551 O O     . HOH H 4 .  ? 9.522   1.433   -11.828 1.00 22.97 ? 36 HOH A O     1 
HETATM 552 O O     . HOH H 4 .  ? -0.224  -7.754  -4.137  1.00 19.95 ? 37 HOH A O     1 
HETATM 553 O O     . HOH H 4 .  ? 3.699   5.178   5.627   1.00 19.40 ? 38 HOH A O     1 
HETATM 554 O O     . HOH H 4 .  ? -0.178  9.640   -2.994  1.00 21.16 ? 39 HOH A O     1 
HETATM 555 O O     . HOH H 4 .  ? 13.621  -3.293  -4.964  1.00 22.03 ? 40 HOH A O     1 
HETATM 556 O O     . HOH H 4 .  ? 1.452   14.082  1.862   1.00 27.16 ? 41 HOH A O     1 
HETATM 557 O O     . HOH H 4 .  ? 4.519   -0.754  -12.442 1.00 34.93 ? 42 HOH A O     1 
HETATM 558 O O     . HOH H 4 .  ? -7.503  -7.891  1.977   1.00 15.69 ? 43 HOH A O     1 
HETATM 559 O O     . HOH H 4 .  ? -0.472  -10.159 -2.545  1.00 28.88 ? 44 HOH A O     1 
HETATM 560 O O     . HOH H 4 .  ? 0.673   -8.572  -0.588  1.00 24.51 ? 45 HOH A O     1 
HETATM 561 O O     . HOH H 4 .  ? 8.972   -7.392  -13.958 1.00 28.86 ? 46 HOH A O     1 
HETATM 562 O O     . HOH H 4 .  ? 2.019   8.354   -2.474  1.00 27.64 ? 47 HOH A O     1 
HETATM 563 O O     . HOH H 4 .  ? 15.149  0.833   -2.747  1.00 18.61 ? 48 HOH A O     1 
HETATM 564 O O     . HOH H 4 .  ? -7.793  -4.477  -8.611  1.00 22.59 ? 49 HOH A O     1 
HETATM 565 O O     . HOH H 4 .  ? 4.957   -7.302  -8.510  1.00 27.57 ? 50 HOH A O     1 
HETATM 566 O O     . HOH H 4 .  ? -7.849  6.032   -0.859  1.00 27.00 ? 51 HOH A O     1 
HETATM 567 O O     . HOH H 4 .  ? -8.647  -10.549 3.070   1.00 22.71 ? 52 HOH A O     1 
HETATM 568 O O     . HOH H 4 .  ? -6.945  8.102   -1.888  1.00 19.44 ? 53 HOH A O     1 
HETATM 569 O O     . HOH H 4 .  ? -10.297 -4.647  -10.388 1.00 32.61 ? 55 HOH A O     1 
HETATM 570 O O     . HOH H 4 .  ? 5.397   2.735   6.740   1.00 18.04 ? 56 HOH A O     1 
HETATM 571 O O     . HOH H 4 .  ? -9.195  -6.771  -10.112 1.00 33.75 ? 57 HOH A O     1 
HETATM 572 O O     . HOH H 4 .  ? 5.388   1.957   9.178   1.00 21.74 ? 58 HOH A O     1 
HETATM 573 O O     . HOH H 4 .  ? -8.170  -7.784  -7.666  1.00 25.05 ? 59 HOH A O     1 
HETATM 574 O O     . HOH I 4 .  ? 4.416   6.205   -9.703  1.00 20.24 ? 30 HOH B O     1 
HETATM 575 O O     . HOH I 4 .  ? 8.391   -4.961  2.834   1.00 22.06 ? 31 HOH B O     1 
HETATM 576 O O     . HOH I 4 .  ? 2.374   6.206   -11.521 1.00 31.06 ? 32 HOH B O     1 
HETATM 577 O O     . HOH I 4 .  ? 0.270   4.805   -9.657  1.00 13.71 ? 33 HOH B O     1 
HETATM 578 O O     . HOH I 4 .  ? 1.261   -5.581  6.934   1.00 11.82 ? 34 HOH B O     1 
HETATM 579 O O     . HOH I 4 .  ? -5.588  -2.674  -6.224  1.00 11.89 ? 35 HOH B O     1 
HETATM 580 O O     . HOH I 4 .  ? -14.607 0.623   2.969   1.00 20.20 ? 36 HOH B O     1 
HETATM 581 O O     . HOH I 4 .  ? -7.090  6.218   -5.252  1.00 11.64 ? 37 HOH B O     1 
HETATM 582 O O     . HOH I 4 .  ? 6.045   7.953   -1.542  1.00 26.96 ? 38 HOH B O     1 
HETATM 583 O O     . HOH I 4 .  ? -3.124  0.404   -7.838  1.00 20.70 ? 39 HOH B O     1 
HETATM 584 O O     . HOH I 4 .  ? -6.130  -2.368  6.453   1.00 11.32 ? 40 HOH B O     1 
HETATM 585 O O     . HOH I 4 .  ? -7.620  -1.135  4.856   1.00 14.56 ? 41 HOH B O     1 
HETATM 586 O O     . HOH I 4 .  ? -8.435  -6.146  0.210   1.00 18.13 ? 42 HOH B O     1 
HETATM 587 O O     . HOH I 4 .  ? -6.965  4.305   -3.097  1.00 16.07 ? 43 HOH B O     1 
HETATM 588 O O     . HOH I 4 .  ? -2.197  6.659   8.262   1.00 17.15 ? 44 HOH B O     1 
HETATM 589 O O     . HOH I 4 .  ? 6.778   -3.107  4.838   1.00 20.04 ? 45 HOH B O     1 
HETATM 590 O O     . HOH I 4 .  ? -13.459 5.814   8.892   1.00 24.54 ? 46 HOH B O     1 
HETATM 591 O O     . HOH I 4 .  ? 5.146   -10.343 -5.846  1.00 35.49 ? 47 HOH B O     1 
HETATM 592 O O     . HOH I 4 .  ? 1.396   4.139   8.513   1.00 27.55 ? 48 HOH B O     1 
HETATM 593 O O     . HOH I 4 .  ? 6.311   -12.619 -4.645  1.00 27.33 ? 49 HOH B O     1 
HETATM 594 O O     . HOH I 4 .  ? -9.472  3.698   -3.443  1.00 39.28 ? 50 HOH B O     1 
HETATM 595 O O     . HOH I 4 .  ? 1.171   6.251   11.928  1.00 32.67 ? 51 HOH B O     1 
HETATM 596 O O     . HOH I 4 .  ? 1.435   -8.553  2.186   1.00 26.83 ? 52 HOH B O     1 
HETATM 597 O O     . HOH I 4 .  ? -5.441  2.766   14.825  1.00 19.95 ? 53 HOH B O     1 
HETATM 598 O O     . HOH I 4 .  ? -5.918  -4.937  7.599   1.00 10.01 ? 54 HOH B O     1 
HETATM 599 O O     . HOH I 4 .  ? -14.927 -2.746  -0.690  1.00 28.74 ? 55 HOH B O     1 
HETATM 600 O O     . HOH I 4 .  ? -8.290  9.350   5.392   1.00 35.19 ? 56 HOH B O     1 
HETATM 601 O O     . HOH I 4 .  ? 1.722   -12.169 0.513   1.00 29.52 ? 57 HOH B O     1 
HETATM 602 O O     . HOH I 4 .  ? -8.693  9.197   9.437   1.00 40.19 ? 58 HOH B O     1 
HETATM 603 O O     . HOH I 4 .  ? -5.871  10.315  9.101   1.00 23.26 ? 59 HOH B O     1 
HETATM 604 O O     . HOH I 4 .  ? -11.730 -7.675  1.147   1.00 27.02 ? 60 HOH B O     1 
HETATM 605 O O     . HOH I 4 .  ? 7.321   -1.401  12.275  1.00 22.44 ? 61 HOH B O     1 
HETATM 606 O O     . HOH I 4 .  ? 2.042   6.348   7.517   1.00 20.02 ? 62 HOH B O     1 
HETATM 607 O O     . HOH I 4 .  ? -15.935 0.793   5.531   1.00 21.70 ? 63 HOH B O     1 
HETATM 608 O O     . HOH I 4 .  ? -3.512  1.184   14.010  1.00 17.90 ? 64 HOH B O     1 
HETATM 609 O O     . HOH I 4 .  ? 2.113   -12.391 -2.075  1.00 30.63 ? 65 HOH B O     1 
HETATM 610 O O     . HOH I 4 .  ? -4.886  8.330   11.154  1.00 22.98 ? 66 HOH B O     1 
# 
loop_
_pdbx_poly_seq_scheme.asym_id 
_pdbx_poly_seq_scheme.entity_id 
_pdbx_poly_seq_scheme.seq_id 
_pdbx_poly_seq_scheme.mon_id 
_pdbx_poly_seq_scheme.ndb_seq_num 
_pdbx_poly_seq_scheme.pdb_seq_num 
_pdbx_poly_seq_scheme.auth_seq_num 
_pdbx_poly_seq_scheme.pdb_mon_id 
_pdbx_poly_seq_scheme.auth_mon_id 
_pdbx_poly_seq_scheme.pdb_strand_id 
_pdbx_poly_seq_scheme.pdb_ins_code 
_pdbx_poly_seq_scheme.hetero 
A 1 1  DG 1  1  1  DG G A . n 
A 1 2  DG 2  2  2  DG G A . n 
A 1 3  DG 3  3  3  DG G A . n 
A 1 4  DG 4  4  4  DG G A . n 
A 1 5  DT 5  5  5  DT T A . n 
A 1 6  DT 6  6  6  DT T A . n 
A 1 7  DT 7  7  7  DT T A . n 
A 1 8  DT 8  8  8  DT T A . n 
A 1 9  DG 9  9  9  DG G A . n 
A 1 10 DG 10 10 10 DG G A . n 
A 1 11 DG 11 11 11 DG G A . n 
A 1 12 DG 12 12 12 DG G A . n 
B 1 1  DG 1  13 13 DG G B . n 
B 1 2  DG 2  14 14 DG G B . n 
B 1 3  DG 3  15 15 DG G B . n 
B 1 4  DG 4  16 16 DG G B . n 
B 1 5  DT 5  17 17 DT T B . n 
B 1 6  DT 6  18 18 DT T B . n 
B 1 7  DT 7  19 19 DT T B . n 
B 1 8  DT 8  20 20 DT T B . n 
B 1 9  DG 9  21 21 DG G B . n 
B 1 10 DG 10 22 22 DG G B . n 
B 1 11 DG 11 23 23 DG G B . n 
B 1 12 DG 12 24 24 DG G B . n 
# 
loop_
_pdbx_nonpoly_scheme.asym_id 
_pdbx_nonpoly_scheme.entity_id 
_pdbx_nonpoly_scheme.mon_id 
_pdbx_nonpoly_scheme.ndb_seq_num 
_pdbx_nonpoly_scheme.pdb_seq_num 
_pdbx_nonpoly_scheme.auth_seq_num 
_pdbx_nonpoly_scheme.pdb_mon_id 
_pdbx_nonpoly_scheme.auth_mon_id 
_pdbx_nonpoly_scheme.pdb_strand_id 
_pdbx_nonpoly_scheme.pdb_ins_code 
C 2 K   1  26 26 K   K   A . 
D 2 K   1  27 27 K   K   A . 
E 2 K   1  28 28 K   K   A . 
F 3 NCE 1  29 29 NCE NCE A . 
G 2 K   1  25 25 K   K   B . 
H 4 HOH 1  31 3  HOH HOH A . 
H 4 HOH 2  32 4  HOH HOH A . 
H 4 HOH 3  33 5  HOH HOH A . 
H 4 HOH 4  35 8  HOH HOH A . 
H 4 HOH 5  36 9  HOH HOH A . 
H 4 HOH 6  37 14 HOH HOH A . 
H 4 HOH 7  38 15 HOH HOH A . 
H 4 HOH 8  39 18 HOH HOH A . 
H 4 HOH 9  40 21 HOH HOH A . 
H 4 HOH 10 41 24 HOH HOH A . 
H 4 HOH 11 42 26 HOH HOH A . 
H 4 HOH 12 43 29 HOH HOH A . 
H 4 HOH 13 44 30 HOH HOH A . 
H 4 HOH 14 45 31 HOH HOH A . 
H 4 HOH 15 46 33 HOH HOH A . 
H 4 HOH 16 47 37 HOH HOH A . 
H 4 HOH 17 48 41 HOH HOH A . 
H 4 HOH 18 49 42 HOH HOH A . 
H 4 HOH 19 50 44 HOH HOH A . 
H 4 HOH 20 51 47 HOH HOH A . 
H 4 HOH 21 52 49 HOH HOH A . 
H 4 HOH 22 53 51 HOH HOH A . 
H 4 HOH 23 55 55 HOH HOH A . 
H 4 HOH 24 56 58 HOH HOH A . 
H 4 HOH 25 57 59 HOH HOH A . 
H 4 HOH 26 58 60 HOH HOH A . 
H 4 HOH 27 59 64 HOH HOH A . 
I 4 HOH 1  30 2  HOH HOH B . 
I 4 HOH 2  31 7  HOH HOH B . 
I 4 HOH 3  32 53 HOH HOH B . 
I 4 HOH 4  33 1  HOH HOH B . 
I 4 HOH 5  34 6  HOH HOH B . 
I 4 HOH 6  35 10 HOH HOH B . 
I 4 HOH 7  36 11 HOH HOH B . 
I 4 HOH 8  37 12 HOH HOH B . 
I 4 HOH 9  38 13 HOH HOH B . 
I 4 HOH 10 39 16 HOH HOH B . 
I 4 HOH 11 40 17 HOH HOH B . 
I 4 HOH 12 41 19 HOH HOH B . 
I 4 HOH 13 42 20 HOH HOH B . 
I 4 HOH 14 43 22 HOH HOH B . 
I 4 HOH 15 44 23 HOH HOH B . 
I 4 HOH 16 45 25 HOH HOH B . 
I 4 HOH 17 46 27 HOH HOH B . 
I 4 HOH 18 47 28 HOH HOH B . 
I 4 HOH 19 48 32 HOH HOH B . 
I 4 HOH 20 49 34 HOH HOH B . 
I 4 HOH 21 50 35 HOH HOH B . 
I 4 HOH 22 51 36 HOH HOH B . 
I 4 HOH 23 52 38 HOH HOH B . 
I 4 HOH 24 53 39 HOH HOH B . 
I 4 HOH 25 54 40 HOH HOH B . 
I 4 HOH 26 55 43 HOH HOH B . 
I 4 HOH 27 56 45 HOH HOH B . 
I 4 HOH 28 57 46 HOH HOH B . 
I 4 HOH 29 58 48 HOH HOH B . 
I 4 HOH 30 59 50 HOH HOH B . 
I 4 HOH 31 60 52 HOH HOH B . 
I 4 HOH 32 61 54 HOH HOH B . 
I 4 HOH 33 62 56 HOH HOH B . 
I 4 HOH 34 63 57 HOH HOH B . 
I 4 HOH 35 64 61 HOH HOH B . 
I 4 HOH 36 65 62 HOH HOH B . 
I 4 HOH 37 66 63 HOH HOH B . 
# 
_struct_site_keywords.site_id   1 
_struct_site_keywords.text      INTERCALATION 
# 
_pdbx_struct_assembly.id                   1 
_pdbx_struct_assembly.details              author_and_software_defined_assembly 
_pdbx_struct_assembly.method_details       PISA 
_pdbx_struct_assembly.oligomeric_details   dimeric 
_pdbx_struct_assembly.oligomeric_count     2 
# 
_pdbx_struct_assembly_gen.assembly_id       1 
_pdbx_struct_assembly_gen.oper_expression   1 
_pdbx_struct_assembly_gen.asym_id_list      A,B,C,D,E,F,G,H,I 
# 
loop_
_pdbx_struct_assembly_prop.biol_id 
_pdbx_struct_assembly_prop.type 
_pdbx_struct_assembly_prop.value 
_pdbx_struct_assembly_prop.details 
1 'ABSA (A^2)' 1780 ? 
1 MORE         5.5  ? 
1 'SSA (A^2)'  4150 ? 
# 
_pdbx_struct_oper_list.id                   1 
_pdbx_struct_oper_list.type                 'identity operation' 
_pdbx_struct_oper_list.name                 1_555 
_pdbx_struct_oper_list.symmetry_operation   x,y,z 
_pdbx_struct_oper_list.matrix[1][1]         1.0000000000 
_pdbx_struct_oper_list.matrix[1][2]         0.0000000000 
_pdbx_struct_oper_list.matrix[1][3]         0.0000000000 
_pdbx_struct_oper_list.vector[1]            0.0000000000 
_pdbx_struct_oper_list.matrix[2][1]         0.0000000000 
_pdbx_struct_oper_list.matrix[2][2]         1.0000000000 
_pdbx_struct_oper_list.matrix[2][3]         0.0000000000 
_pdbx_struct_oper_list.vector[2]            0.0000000000 
_pdbx_struct_oper_list.matrix[3][1]         0.0000000000 
_pdbx_struct_oper_list.matrix[3][2]         0.0000000000 
_pdbx_struct_oper_list.matrix[3][3]         1.0000000000 
_pdbx_struct_oper_list.vector[3]            0.0000000000 
# 
loop_
_pdbx_struct_conn_angle.id 
_pdbx_struct_conn_angle.ptnr1_label_atom_id 
_pdbx_struct_conn_angle.ptnr1_label_alt_id 
_pdbx_struct_conn_angle.ptnr1_label_asym_id 
_pdbx_struct_conn_angle.ptnr1_label_comp_id 
_pdbx_struct_conn_angle.ptnr1_label_seq_id 
_pdbx_struct_conn_angle.ptnr1_auth_atom_id 
_pdbx_struct_conn_angle.ptnr1_auth_asym_id 
_pdbx_struct_conn_angle.ptnr1_auth_comp_id 
_pdbx_struct_conn_angle.ptnr1_auth_seq_id 
_pdbx_struct_conn_angle.ptnr1_PDB_ins_code 
_pdbx_struct_conn_angle.ptnr1_symmetry 
_pdbx_struct_conn_angle.ptnr2_label_atom_id 
_pdbx_struct_conn_angle.ptnr2_label_alt_id 
_pdbx_struct_conn_angle.ptnr2_label_asym_id 
_pdbx_struct_conn_angle.ptnr2_label_comp_id 
_pdbx_struct_conn_angle.ptnr2_label_seq_id 
_pdbx_struct_conn_angle.ptnr2_auth_atom_id 
_pdbx_struct_conn_angle.ptnr2_auth_asym_id 
_pdbx_struct_conn_angle.ptnr2_auth_comp_id 
_pdbx_struct_conn_angle.ptnr2_auth_seq_id 
_pdbx_struct_conn_angle.ptnr2_PDB_ins_code 
_pdbx_struct_conn_angle.ptnr2_symmetry 
_pdbx_struct_conn_angle.ptnr3_label_atom_id 
_pdbx_struct_conn_angle.ptnr3_label_alt_id 
_pdbx_struct_conn_angle.ptnr3_label_asym_id 
_pdbx_struct_conn_angle.ptnr3_label_comp_id 
_pdbx_struct_conn_angle.ptnr3_label_seq_id 
_pdbx_struct_conn_angle.ptnr3_auth_atom_id 
_pdbx_struct_conn_angle.ptnr3_auth_asym_id 
_pdbx_struct_conn_angle.ptnr3_auth_comp_id 
_pdbx_struct_conn_angle.ptnr3_auth_seq_id 
_pdbx_struct_conn_angle.ptnr3_PDB_ins_code 
_pdbx_struct_conn_angle.ptnr3_symmetry 
_pdbx_struct_conn_angle.value 
_pdbx_struct_conn_angle.value_esd 
1  O6 ? A DG 1  ? A DG 1  ? 1_555 K ? C K . ? A K 26 ? 1_555 O6 ? A DG  2  ? A DG  2  ? 1_555 67.3  ? 
2  O6 ? A DG 1  ? A DG 1  ? 1_555 K ? C K . ? A K 26 ? 1_555 O6 ? A DG  11 ? A DG  11 ? 1_555 164.9 ? 
3  O6 ? A DG 2  ? A DG 2  ? 1_555 K ? C K . ? A K 26 ? 1_555 O6 ? A DG  11 ? A DG  11 ? 1_555 107.0 ? 
4  O6 ? A DG 1  ? A DG 1  ? 1_555 K ? C K . ? A K 26 ? 1_555 O6 ? A DG  12 ? A DG  12 ? 1_555 114.5 ? 
5  O6 ? A DG 2  ? A DG 2  ? 1_555 K ? C K . ? A K 26 ? 1_555 O6 ? A DG  12 ? A DG  12 ? 1_555 174.2 ? 
6  O6 ? A DG 11 ? A DG 11 ? 1_555 K ? C K . ? A K 26 ? 1_555 O6 ? A DG  12 ? A DG  12 ? 1_555 72.7  ? 
7  O6 ? A DG 1  ? A DG 1  ? 1_555 K ? C K . ? A K 26 ? 1_555 O6 ? B DG  4  ? B DG  16 ? 1_555 71.6  ? 
8  O6 ? A DG 2  ? A DG 2  ? 1_555 K ? C K . ? A K 26 ? 1_555 O6 ? B DG  4  ? B DG  16 ? 1_555 114.1 ? 
9  O6 ? A DG 11 ? A DG 11 ? 1_555 K ? C K . ? A K 26 ? 1_555 O6 ? B DG  4  ? B DG  16 ? 1_555 99.8  ? 
10 O6 ? A DG 12 ? A DG 12 ? 1_555 K ? C K . ? A K 26 ? 1_555 O6 ? B DG  4  ? B DG  16 ? 1_555 71.5  ? 
11 O6 ? A DG 1  ? A DG 1  ? 1_555 K ? C K . ? A K 26 ? 1_555 O6 ? B DG  9  ? B DG  21 ? 1_555 77.6  ? 
12 O6 ? A DG 2  ? A DG 2  ? 1_555 K ? C K . ? A K 26 ? 1_555 O6 ? B DG  9  ? B DG  21 ? 1_555 106.7 ? 
13 O6 ? A DG 11 ? A DG 11 ? 1_555 K ? C K . ? A K 26 ? 1_555 O6 ? B DG  9  ? B DG  21 ? 1_555 117.4 ? 
14 O6 ? A DG 12 ? A DG 12 ? 1_555 K ? C K . ? A K 26 ? 1_555 O6 ? B DG  9  ? B DG  21 ? 1_555 69.0  ? 
15 O6 ? B DG 4  ? B DG 16 ? 1_555 K ? C K . ? A K 26 ? 1_555 O6 ? B DG  9  ? B DG  21 ? 1_555 112.0 ? 
16 O6 ? A DG 1  ? A DG 1  ? 1_555 K ? C K . ? A K 26 ? 1_555 O6 ? B DG  10 ? B DG  22 ? 1_555 117.3 ? 
17 O6 ? A DG 2  ? A DG 2  ? 1_555 K ? C K . ? A K 26 ? 1_555 O6 ? B DG  10 ? B DG  22 ? 1_555 72.1  ? 
18 O6 ? A DG 11 ? A DG 11 ? 1_555 K ? C K . ? A K 26 ? 1_555 O6 ? B DG  10 ? B DG  22 ? 1_555 71.8  ? 
19 O6 ? A DG 12 ? A DG 12 ? 1_555 K ? C K . ? A K 26 ? 1_555 O6 ? B DG  10 ? B DG  22 ? 1_555 102.6 ? 
20 O6 ? B DG 4  ? B DG 16 ? 1_555 K ? C K . ? A K 26 ? 1_555 O6 ? B DG  10 ? B DG  22 ? 1_555 171.1 ? 
21 O6 ? B DG 9  ? B DG 21 ? 1_555 K ? C K . ? A K 26 ? 1_555 O6 ? B DG  10 ? B DG  22 ? 1_555 70.8  ? 
22 O6 ? A DG 2  ? A DG 2  ? 1_555 K ? D K . ? A K 27 ? 1_555 O6 ? A DG  10 ? A DG  10 ? 1_555 133.9 ? 
23 O6 ? A DG 2  ? A DG 2  ? 1_555 K ? D K . ? A K 27 ? 1_555 O6 ? A DG  11 ? A DG  11 ? 1_555 108.3 ? 
24 O6 ? A DG 10 ? A DG 10 ? 1_555 K ? D K . ? A K 27 ? 1_555 O6 ? A DG  11 ? A DG  11 ? 1_555 90.6  ? 
25 O6 ? A DG 2  ? A DG 2  ? 1_555 K ? D K . ? A K 27 ? 1_555 O6 ? B DG  2  ? B DG  14 ? 1_555 155.1 ? 
26 O6 ? A DG 10 ? A DG 10 ? 1_555 K ? D K . ? A K 27 ? 1_555 O6 ? B DG  2  ? B DG  14 ? 1_555 70.5  ? 
27 O6 ? A DG 11 ? A DG 11 ? 1_555 K ? D K . ? A K 27 ? 1_555 O6 ? B DG  2  ? B DG  14 ? 1_555 71.4  ? 
28 O6 ? A DG 2  ? A DG 2  ? 1_555 K ? D K . ? A K 27 ? 1_555 O6 ? B DG  3  ? B DG  15 ? 1_555 69.9  ? 
29 O6 ? A DG 10 ? A DG 10 ? 1_555 K ? D K . ? A K 27 ? 1_555 O6 ? B DG  3  ? B DG  15 ? 1_555 154.1 ? 
30 O6 ? A DG 11 ? A DG 11 ? 1_555 K ? D K . ? A K 27 ? 1_555 O6 ? B DG  3  ? B DG  15 ? 1_555 68.8  ? 
31 O6 ? B DG 2  ? B DG 14 ? 1_555 K ? D K . ? A K 27 ? 1_555 O6 ? B DG  3  ? B DG  15 ? 1_555 87.6  ? 
32 O6 ? A DG 2  ? A DG 2  ? 1_555 K ? D K . ? A K 27 ? 1_555 O6 ? B DG  10 ? B DG  22 ? 1_555 72.9  ? 
33 O6 ? A DG 10 ? A DG 10 ? 1_555 K ? D K . ? A K 27 ? 1_555 O6 ? B DG  10 ? B DG  22 ? 1_555 74.3  ? 
34 O6 ? A DG 11 ? A DG 11 ? 1_555 K ? D K . ? A K 27 ? 1_555 O6 ? B DG  10 ? B DG  22 ? 1_555 71.4  ? 
35 O6 ? B DG 2  ? B DG 14 ? 1_555 K ? D K . ? A K 27 ? 1_555 O6 ? B DG  10 ? B DG  22 ? 1_555 127.5 ? 
36 O6 ? B DG 3  ? B DG 15 ? 1_555 K ? D K . ? A K 27 ? 1_555 O6 ? B DG  10 ? B DG  22 ? 1_555 111.4 ? 
37 O6 ? A DG 2  ? A DG 2  ? 1_555 K ? D K . ? A K 27 ? 1_555 O6 ? B DG  11 ? B DG  23 ? 1_555 77.6  ? 
38 O6 ? A DG 10 ? A DG 10 ? 1_555 K ? D K . ? A K 27 ? 1_555 O6 ? B DG  11 ? B DG  23 ? 1_555 74.8  ? 
39 O6 ? A DG 11 ? A DG 11 ? 1_555 K ? D K . ? A K 27 ? 1_555 O6 ? B DG  11 ? B DG  23 ? 1_555 163.3 ? 
40 O6 ? B DG 2  ? B DG 14 ? 1_555 K ? D K . ? A K 27 ? 1_555 O6 ? B DG  11 ? B DG  23 ? 1_555 110.0 ? 
41 O6 ? B DG 3  ? B DG 15 ? 1_555 K ? D K . ? A K 27 ? 1_555 O6 ? B DG  11 ? B DG  23 ? 1_555 127.5 ? 
42 O6 ? B DG 10 ? B DG 22 ? 1_555 K ? D K . ? A K 27 ? 1_555 O6 ? B DG  11 ? B DG  23 ? 1_555 96.4  ? 
43 O6 ? A DG 4  ? A DG 4  ? 1_555 K ? E K . ? A K 28 ? 1_555 O6 ? A DG  9  ? A DG  9  ? 1_555 124.8 ? 
44 O6 ? A DG 4  ? A DG 4  ? 1_555 K ? E K . ? A K 28 ? 1_555 O6 ? B DG  1  ? B DG  13 ? 1_555 75.7  ? 
45 O6 ? A DG 9  ? A DG 9  ? 1_555 K ? E K . ? A K 28 ? 1_555 O6 ? B DG  1  ? B DG  13 ? 1_555 77.2  ? 
46 O6 ? A DG 4  ? A DG 4  ? 1_555 K ? E K . ? A K 28 ? 1_555 O6 ? B DG  12 ? B DG  24 ? 1_555 77.8  ? 
47 O6 ? A DG 9  ? A DG 9  ? 1_555 K ? E K . ? A K 28 ? 1_555 O6 ? B DG  12 ? B DG  24 ? 1_555 76.9  ? 
48 O6 ? B DG 1  ? B DG 13 ? 1_555 K ? E K . ? A K 28 ? 1_555 O6 ? B DG  12 ? B DG  24 ? 1_555 121.4 ? 
49 O6 ? A DG 12 ? A DG 12 ? 1_555 K ? G K . ? B K 25 ? 1_555 O6 ? B DG  4  ? B DG  16 ? 1_555 69.0  ? 
50 O6 ? A DG 12 ? A DG 12 ? 1_555 K ? G K . ? B K 25 ? 1_555 O2 ? B DT  5  ? B DT  17 ? 1_555 129.5 ? 
51 O6 ? B DG 4  ? B DG 16 ? 1_555 K ? G K . ? B K 25 ? 1_555 O2 ? B DT  5  ? B DT  17 ? 1_555 74.0  ? 
52 O6 ? A DG 12 ? A DG 12 ? 1_555 K ? G K . ? B K 25 ? 1_555 O2 ? B DT  7  ? B DT  19 ? 1_555 154.9 ? 
53 O6 ? B DG 4  ? B DG 16 ? 1_555 K ? G K . ? B K 25 ? 1_555 O2 ? B DT  7  ? B DT  19 ? 1_555 128.2 ? 
54 O2 ? B DT 5  ? B DT 17 ? 1_555 K ? G K . ? B K 25 ? 1_555 O2 ? B DT  7  ? B DT  19 ? 1_555 75.5  ? 
55 O6 ? A DG 12 ? A DG 12 ? 1_555 K ? G K . ? B K 25 ? 1_555 O  ? I HOH .  ? B HOH 41 ? 1_555 90.3  ? 
56 O6 ? B DG 4  ? B DG 16 ? 1_555 K ? G K . ? B K 25 ? 1_555 O  ? I HOH .  ? B HOH 41 ? 1_555 150.6 ? 
57 O2 ? B DT 5  ? B DT 17 ? 1_555 K ? G K . ? B K 25 ? 1_555 O  ? I HOH .  ? B HOH 41 ? 1_555 107.3 ? 
58 O2 ? B DT 7  ? B DT 19 ? 1_555 K ? G K . ? B K 25 ? 1_555 O  ? I HOH .  ? B HOH 41 ? 1_555 78.7  ? 
# 
loop_
_pdbx_audit_revision_history.ordinal 
_pdbx_audit_revision_history.data_content_type 
_pdbx_audit_revision_history.major_revision 
_pdbx_audit_revision_history.minor_revision 
_pdbx_audit_revision_history.revision_date 
1 'Structure model' 1 0 2008-10-14 
2 'Structure model' 1 1 2011-07-13 
3 'Structure model' 1 2 2023-09-06 
# 
_pdbx_audit_revision_details.ordinal             1 
_pdbx_audit_revision_details.revision_ordinal    1 
_pdbx_audit_revision_details.data_content_type   'Structure model' 
_pdbx_audit_revision_details.provider            repository 
_pdbx_audit_revision_details.type                'Initial release' 
_pdbx_audit_revision_details.description         ? 
_pdbx_audit_revision_details.details             ? 
# 
loop_
_pdbx_audit_revision_group.ordinal 
_pdbx_audit_revision_group.revision_ordinal 
_pdbx_audit_revision_group.data_content_type 
_pdbx_audit_revision_group.group 
1 2 'Structure model' 'Version format compliance' 
2 3 'Structure model' 'Data collection'           
3 3 'Structure model' 'Database references'       
4 3 'Structure model' 'Derived calculations'      
5 3 'Structure model' 'Refinement description'    
# 
loop_
_pdbx_audit_revision_category.ordinal 
_pdbx_audit_revision_category.revision_ordinal 
_pdbx_audit_revision_category.data_content_type 
_pdbx_audit_revision_category.category 
1 3 'Structure model' chem_comp_atom                
2 3 'Structure model' chem_comp_bond                
3 3 'Structure model' database_2                    
4 3 'Structure model' pdbx_initial_refinement_model 
5 3 'Structure model' struct_conn                   
6 3 'Structure model' struct_site                   
# 
loop_
_pdbx_audit_revision_item.ordinal 
_pdbx_audit_revision_item.revision_ordinal 
_pdbx_audit_revision_item.data_content_type 
_pdbx_audit_revision_item.item 
1  3 'Structure model' '_database_2.pdbx_DOI'                
2  3 'Structure model' '_database_2.pdbx_database_accession' 
3  3 'Structure model' '_struct_conn.pdbx_dist_value'        
4  3 'Structure model' '_struct_conn.ptnr1_auth_asym_id'     
5  3 'Structure model' '_struct_conn.ptnr1_auth_comp_id'     
6  3 'Structure model' '_struct_conn.ptnr1_auth_seq_id'      
7  3 'Structure model' '_struct_conn.ptnr1_label_asym_id'    
8  3 'Structure model' '_struct_conn.ptnr1_label_atom_id'    
9  3 'Structure model' '_struct_conn.ptnr1_label_comp_id'    
10 3 'Structure model' '_struct_conn.ptnr1_label_seq_id'     
11 3 'Structure model' '_struct_conn.ptnr2_auth_asym_id'     
12 3 'Structure model' '_struct_conn.ptnr2_auth_comp_id'     
13 3 'Structure model' '_struct_conn.ptnr2_auth_seq_id'      
14 3 'Structure model' '_struct_conn.ptnr2_label_asym_id'    
15 3 'Structure model' '_struct_conn.ptnr2_label_atom_id'    
16 3 'Structure model' '_struct_conn.ptnr2_label_comp_id'    
17 3 'Structure model' '_struct_conn.ptnr2_label_seq_id'     
18 3 'Structure model' '_struct_site.pdbx_auth_asym_id'      
19 3 'Structure model' '_struct_site.pdbx_auth_comp_id'      
20 3 'Structure model' '_struct_site.pdbx_auth_seq_id'       
# 
loop_
_software.name 
_software.classification 
_software.version 
_software.citation_id 
_software.pdbx_ordinal 
CrystalClear 'data collection' .        ? 1 
PHASER       phasing           .        ? 2 
REFMAC       refinement        5.2.0019 ? 3 
d*TREK       'data reduction'  .        ? 4 
d*TREK       'data scaling'    .        ? 5 
# 
loop_
_pdbx_validate_rmsd_angle.id 
_pdbx_validate_rmsd_angle.PDB_model_num 
_pdbx_validate_rmsd_angle.auth_atom_id_1 
_pdbx_validate_rmsd_angle.auth_asym_id_1 
_pdbx_validate_rmsd_angle.auth_comp_id_1 
_pdbx_validate_rmsd_angle.auth_seq_id_1 
_pdbx_validate_rmsd_angle.PDB_ins_code_1 
_pdbx_validate_rmsd_angle.label_alt_id_1 
_pdbx_validate_rmsd_angle.auth_atom_id_2 
_pdbx_validate_rmsd_angle.auth_asym_id_2 
_pdbx_validate_rmsd_angle.auth_comp_id_2 
_pdbx_validate_rmsd_angle.auth_seq_id_2 
_pdbx_validate_rmsd_angle.PDB_ins_code_2 
_pdbx_validate_rmsd_angle.label_alt_id_2 
_pdbx_validate_rmsd_angle.auth_atom_id_3 
_pdbx_validate_rmsd_angle.auth_asym_id_3 
_pdbx_validate_rmsd_angle.auth_comp_id_3 
_pdbx_validate_rmsd_angle.auth_seq_id_3 
_pdbx_validate_rmsd_angle.PDB_ins_code_3 
_pdbx_validate_rmsd_angle.label_alt_id_3 
_pdbx_validate_rmsd_angle.angle_value 
_pdbx_validate_rmsd_angle.angle_target_value 
_pdbx_validate_rmsd_angle.angle_deviation 
_pdbx_validate_rmsd_angle.angle_standard_deviation 
_pdbx_validate_rmsd_angle.linker_flag 
1  1 "C3'" A DG 2  ? ? "C2'" A DG 2  ? ? "C1'" A DG 2  ? ? 97.52  102.40 -4.88 0.80 N 
2  1 "O4'" A DT 5  ? ? "C1'" A DT 5  ? ? N1    A DT 5  ? ? 110.55 108.30 2.25  0.30 N 
3  1 C4    A DT 5  ? ? C5    A DT 5  ? ? C7    A DT 5  ? ? 122.92 119.00 3.92  0.60 N 
4  1 "O4'" A DT 7  ? ? "C1'" A DT 7  ? ? N1    A DT 7  ? ? 114.40 108.30 6.10  0.30 N 
5  1 "O4'" A DG 9  ? ? "C1'" A DG 9  ? ? N9    A DG 9  ? ? 110.12 108.30 1.82  0.30 N 
6  1 "O4'" B DG 13 ? ? "C1'" B DG 13 ? ? N9    B DG 13 ? ? 113.90 108.30 5.60  0.30 N 
7  1 "O4'" B DG 16 ? ? "C1'" B DG 16 ? ? N9    B DG 16 ? ? 112.50 108.30 4.20  0.30 N 
8  1 "O4'" B DT 17 ? ? "C4'" B DT 17 ? ? "C3'" B DT 17 ? ? 101.19 104.50 -3.31 0.40 N 
9  1 "C1'" B DT 17 ? ? "O4'" B DT 17 ? ? "C4'" B DT 17 ? ? 103.86 110.10 -6.24 1.00 N 
10 1 "O4'" B DT 17 ? ? "C1'" B DT 17 ? ? N1    B DT 17 ? ? 112.32 108.30 4.02  0.30 N 
11 1 "O4'" B DT 18 ? ? "C1'" B DT 18 ? ? N1    B DT 18 ? ? 110.64 108.30 2.34  0.30 N 
12 1 C5    B DG 21 ? ? C6    B DG 21 ? ? N1    B DG 21 ? ? 114.98 111.50 3.48  0.50 N 
13 1 "O4'" B DG 23 ? ? "C1'" B DG 23 ? ? N9    B DG 23 ? ? 110.18 108.30 1.88  0.30 N 
# 
loop_
_chem_comp_atom.comp_id 
_chem_comp_atom.atom_id 
_chem_comp_atom.type_symbol 
_chem_comp_atom.pdbx_aromatic_flag 
_chem_comp_atom.pdbx_stereo_config 
_chem_comp_atom.pdbx_ordinal 
DG  OP3    O N N 1   
DG  P      P N N 2   
DG  OP1    O N N 3   
DG  OP2    O N N 4   
DG  "O5'"  O N N 5   
DG  "C5'"  C N N 6   
DG  "C4'"  C N R 7   
DG  "O4'"  O N N 8   
DG  "C3'"  C N S 9   
DG  "O3'"  O N N 10  
DG  "C2'"  C N N 11  
DG  "C1'"  C N R 12  
DG  N9     N Y N 13  
DG  C8     C Y N 14  
DG  N7     N Y N 15  
DG  C5     C Y N 16  
DG  C6     C N N 17  
DG  O6     O N N 18  
DG  N1     N N N 19  
DG  C2     C N N 20  
DG  N2     N N N 21  
DG  N3     N N N 22  
DG  C4     C Y N 23  
DG  HOP3   H N N 24  
DG  HOP2   H N N 25  
DG  "H5'"  H N N 26  
DG  "H5''" H N N 27  
DG  "H4'"  H N N 28  
DG  "H3'"  H N N 29  
DG  "HO3'" H N N 30  
DG  "H2'"  H N N 31  
DG  "H2''" H N N 32  
DG  "H1'"  H N N 33  
DG  H8     H N N 34  
DG  H1     H N N 35  
DG  H21    H N N 36  
DG  H22    H N N 37  
DT  OP3    O N N 38  
DT  P      P N N 39  
DT  OP1    O N N 40  
DT  OP2    O N N 41  
DT  "O5'"  O N N 42  
DT  "C5'"  C N N 43  
DT  "C4'"  C N R 44  
DT  "O4'"  O N N 45  
DT  "C3'"  C N S 46  
DT  "O3'"  O N N 47  
DT  "C2'"  C N N 48  
DT  "C1'"  C N R 49  
DT  N1     N N N 50  
DT  C2     C N N 51  
DT  O2     O N N 52  
DT  N3     N N N 53  
DT  C4     C N N 54  
DT  O4     O N N 55  
DT  C5     C N N 56  
DT  C7     C N N 57  
DT  C6     C N N 58  
DT  HOP3   H N N 59  
DT  HOP2   H N N 60  
DT  "H5'"  H N N 61  
DT  "H5''" H N N 62  
DT  "H4'"  H N N 63  
DT  "H3'"  H N N 64  
DT  "HO3'" H N N 65  
DT  "H2'"  H N N 66  
DT  "H2''" H N N 67  
DT  "H1'"  H N N 68  
DT  H3     H N N 69  
DT  H71    H N N 70  
DT  H72    H N N 71  
DT  H73    H N N 72  
DT  H6     H N N 73  
HOH O      O N N 74  
HOH H1     H N N 75  
HOH H2     H N N 76  
K   K      K N N 77  
NCE C75    C N N 78  
NCE C72    C N N 79  
NCE O32    O N N 80  
NCE C66    C N N 81  
NCE C63    C N N 82  
NCE N61    N N N 83  
NCE C58    C N N 84  
NCE C55    C N N 85  
NCE C54    C N N 86  
NCE O84    O N N 87  
NCE N52    N N N 88  
NCE C51    C Y N 89  
NCE C85    C Y N 90  
NCE C49    C Y N 91  
NCE C47    C Y N 92  
NCE C2     C Y N 93  
NCE C45    C Y N 94  
NCE C87    C Y N 95  
NCE N1     N Y N 96  
NCE C3     C Y N 97  
NCE C4     C Y N 98  
NCE C44    C Y N 99  
NCE C42    C Y N 100 
NCE C40    C Y N 101 
NCE C6     C Y N 102 
NCE N7     N N N 103 
NCE C9     C N N 104 
NCE O39    O N N 105 
NCE C10    C N N 106 
NCE C13    C N N 107 
NCE N16    N N N 108 
NCE C36    C N N 109 
NCE C33    C N N 110 
NCE O12    O N N 111 
NCE C27    C N N 112 
NCE C18    C N N 113 
NCE H75    H N N 114 
NCE H75A   H N N 115 
NCE H72    H N N 116 
NCE H72A   H N N 117 
NCE H66    H N N 118 
NCE H66A   H N N 119 
NCE H63    H N N 120 
NCE H63A   H N N 121 
NCE H58    H N N 122 
NCE H58A   H N N 123 
NCE H55    H N N 124 
NCE H55A   H N N 125 
NCE HN52   H N N 126 
NCE H85    H N N 127 
NCE H49    H N N 128 
NCE H47    H N N 129 
NCE H45    H N N 130 
NCE H4     H N N 131 
NCE H42    H N N 132 
NCE H40    H N N 133 
NCE HN7    H N N 134 
NCE H10    H N N 135 
NCE H10A   H N N 136 
NCE H13    H N N 137 
NCE H13A   H N N 138 
NCE H36    H N N 139 
NCE H36A   H N N 140 
NCE H33    H N N 141 
NCE H33A   H N N 142 
NCE H27    H N N 143 
NCE H27A   H N N 144 
NCE H18    H N N 145 
NCE H18A   H N N 146 
# 
loop_
_chem_comp_bond.comp_id 
_chem_comp_bond.atom_id_1 
_chem_comp_bond.atom_id_2 
_chem_comp_bond.value_order 
_chem_comp_bond.pdbx_aromatic_flag 
_chem_comp_bond.pdbx_stereo_config 
_chem_comp_bond.pdbx_ordinal 
DG  OP3   P      sing N N 1   
DG  OP3   HOP3   sing N N 2   
DG  P     OP1    doub N N 3   
DG  P     OP2    sing N N 4   
DG  P     "O5'"  sing N N 5   
DG  OP2   HOP2   sing N N 6   
DG  "O5'" "C5'"  sing N N 7   
DG  "C5'" "C4'"  sing N N 8   
DG  "C5'" "H5'"  sing N N 9   
DG  "C5'" "H5''" sing N N 10  
DG  "C4'" "O4'"  sing N N 11  
DG  "C4'" "C3'"  sing N N 12  
DG  "C4'" "H4'"  sing N N 13  
DG  "O4'" "C1'"  sing N N 14  
DG  "C3'" "O3'"  sing N N 15  
DG  "C3'" "C2'"  sing N N 16  
DG  "C3'" "H3'"  sing N N 17  
DG  "O3'" "HO3'" sing N N 18  
DG  "C2'" "C1'"  sing N N 19  
DG  "C2'" "H2'"  sing N N 20  
DG  "C2'" "H2''" sing N N 21  
DG  "C1'" N9     sing N N 22  
DG  "C1'" "H1'"  sing N N 23  
DG  N9    C8     sing Y N 24  
DG  N9    C4     sing Y N 25  
DG  C8    N7     doub Y N 26  
DG  C8    H8     sing N N 27  
DG  N7    C5     sing Y N 28  
DG  C5    C6     sing N N 29  
DG  C5    C4     doub Y N 30  
DG  C6    O6     doub N N 31  
DG  C6    N1     sing N N 32  
DG  N1    C2     sing N N 33  
DG  N1    H1     sing N N 34  
DG  C2    N2     sing N N 35  
DG  C2    N3     doub N N 36  
DG  N2    H21    sing N N 37  
DG  N2    H22    sing N N 38  
DG  N3    C4     sing N N 39  
DT  OP3   P      sing N N 40  
DT  OP3   HOP3   sing N N 41  
DT  P     OP1    doub N N 42  
DT  P     OP2    sing N N 43  
DT  P     "O5'"  sing N N 44  
DT  OP2   HOP2   sing N N 45  
DT  "O5'" "C5'"  sing N N 46  
DT  "C5'" "C4'"  sing N N 47  
DT  "C5'" "H5'"  sing N N 48  
DT  "C5'" "H5''" sing N N 49  
DT  "C4'" "O4'"  sing N N 50  
DT  "C4'" "C3'"  sing N N 51  
DT  "C4'" "H4'"  sing N N 52  
DT  "O4'" "C1'"  sing N N 53  
DT  "C3'" "O3'"  sing N N 54  
DT  "C3'" "C2'"  sing N N 55  
DT  "C3'" "H3'"  sing N N 56  
DT  "O3'" "HO3'" sing N N 57  
DT  "C2'" "C1'"  sing N N 58  
DT  "C2'" "H2'"  sing N N 59  
DT  "C2'" "H2''" sing N N 60  
DT  "C1'" N1     sing N N 61  
DT  "C1'" "H1'"  sing N N 62  
DT  N1    C2     sing N N 63  
DT  N1    C6     sing N N 64  
DT  C2    O2     doub N N 65  
DT  C2    N3     sing N N 66  
DT  N3    C4     sing N N 67  
DT  N3    H3     sing N N 68  
DT  C4    O4     doub N N 69  
DT  C4    C5     sing N N 70  
DT  C5    C7     sing N N 71  
DT  C5    C6     doub N N 72  
DT  C7    H71    sing N N 73  
DT  C7    H72    sing N N 74  
DT  C7    H73    sing N N 75  
DT  C6    H6     sing N N 76  
HOH O     H1     sing N N 77  
HOH O     H2     sing N N 78  
NCE C75   C72    sing N N 79  
NCE C75   N61    sing N N 80  
NCE C72   O32    sing N N 81  
NCE O32   C66    sing N N 82  
NCE C66   C63    sing N N 83  
NCE C63   N61    sing N N 84  
NCE N61   C58    sing N N 85  
NCE C58   C55    sing N N 86  
NCE C55   C54    sing N N 87  
NCE C54   O84    doub N N 88  
NCE C54   N52    sing N N 89  
NCE N52   C51    sing N N 90  
NCE C51   C85    doub Y N 91  
NCE C51   C49    sing Y N 92  
NCE C85   C87    sing Y N 93  
NCE C49   C47    doub Y N 94  
NCE C47   C2     sing Y N 95  
NCE C2    C45    doub Y N 96  
NCE C2    C87    sing Y N 97  
NCE C45   C44    sing Y N 98  
NCE C87   N1     doub Y N 99  
NCE N1    C3     sing Y N 100 
NCE C3    C4     doub Y N 101 
NCE C3    C44    sing Y N 102 
NCE C4    C6     sing Y N 103 
NCE C44   C42    doub Y N 104 
NCE C42   C40    sing Y N 105 
NCE C40   C6     doub Y N 106 
NCE C6    N7     sing N N 107 
NCE N7    C9     sing N N 108 
NCE C9    O39    doub N N 109 
NCE C9    C10    sing N N 110 
NCE C10   C13    sing N N 111 
NCE C13   N16    sing N N 112 
NCE N16   C36    sing N N 113 
NCE N16   C18    sing N N 114 
NCE C36   C33    sing N N 115 
NCE C33   O12    sing N N 116 
NCE O12   C27    sing N N 117 
NCE C27   C18    sing N N 118 
NCE C75   H75    sing N N 119 
NCE C75   H75A   sing N N 120 
NCE C72   H72    sing N N 121 
NCE C72   H72A   sing N N 122 
NCE C66   H66    sing N N 123 
NCE C66   H66A   sing N N 124 
NCE C63   H63    sing N N 125 
NCE C63   H63A   sing N N 126 
NCE C58   H58    sing N N 127 
NCE C58   H58A   sing N N 128 
NCE C55   H55    sing N N 129 
NCE C55   H55A   sing N N 130 
NCE N52   HN52   sing N N 131 
NCE C85   H85    sing N N 132 
NCE C49   H49    sing N N 133 
NCE C47   H47    sing N N 134 
NCE C45   H45    sing N N 135 
NCE C4    H4     sing N N 136 
NCE C42   H42    sing N N 137 
NCE C40   H40    sing N N 138 
NCE N7    HN7    sing N N 139 
NCE C10   H10    sing N N 140 
NCE C10   H10A   sing N N 141 
NCE C13   H13    sing N N 142 
NCE C13   H13A   sing N N 143 
NCE C36   H36    sing N N 144 
NCE C36   H36A   sing N N 145 
NCE C33   H33    sing N N 146 
NCE C33   H33A   sing N N 147 
NCE C27   H27    sing N N 148 
NCE C27   H27A   sing N N 149 
NCE C18   H18    sing N N 150 
NCE C18   H18A   sing N N 151 
# 
_ndb_struct_conf_na.entry_id   3EM2 
_ndb_struct_conf_na.feature    'quadruple helix' 
# 
loop_
_pdbx_entity_nonpoly.entity_id 
_pdbx_entity_nonpoly.name 
_pdbx_entity_nonpoly.comp_id 
2 'POTASSIUM ION'                                K   
3 '3,6-Bis[(3-morpholinopropionamido)] acridine' NCE 
4 water                                          HOH 
# 
_pdbx_initial_refinement_model.id               1 
_pdbx_initial_refinement_model.entity_id_list   ? 
_pdbx_initial_refinement_model.type             'experimental model' 
_pdbx_initial_refinement_model.source_name      PDB 
_pdbx_initial_refinement_model.accession_code   1L1H 
_pdbx_initial_refinement_model.details          'PDB entry 1L1H' 
# 
